data_8ZYA
#
_entry.id   8ZYA
#
_cell.length_a   1.00
_cell.length_b   1.00
_cell.length_c   1.00
_cell.angle_alpha   90.00
_cell.angle_beta   90.00
_cell.angle_gamma   90.00
#
_symmetry.space_group_name_H-M   'P 1'
#
loop_
_entity.id
_entity.type
_entity.pdbx_description
1 polymer 'Spike glycoprotein'
2 polymer 'Angiotensin-converting enzyme'
3 branched 2-acetamido-2-deoxy-beta-D-glucopyranose-(1-4)-2-acetamido-2-deoxy-beta-D-glucopyranose
4 non-polymer 2-acetamido-2-deoxy-beta-D-glucopyranose
#
loop_
_entity_poly.entity_id
_entity_poly.type
_entity_poly.pdbx_seq_one_letter_code
_entity_poly.pdbx_strand_id
1 'polypeptide(L)'
;RVSPSTEVVRFPNITNLCPFGQVFNASNFPSVYAWERLRISDCVADYAVLYNSSSSFSTFKCYGVSPTKLNDLCFSSVYA
DYFVVKGDDVRQIAPAQTGVIADYNYKLPDDFTGCVLAWNTNSVDSKSGNNFYYRLFRHGKIKPYERDISNVLYNSAGGT
CSSISQLGCYEPLKSYGFTPTVGVGYQPYRVVVLSFELLNAPATVCGPKKSTELVKNK
;
A
2 'polypeptide(L)'
;MSGSSWLLLSLVAVTAAQSTTEDRAKIFLDNFNHEAEDLSYQSSLASWEYNTNISDENVQKMDEAGAKWSAFYEEQSKLA
KNYPLEEIQTVPVKLQLQILQQSGSPVLSEDKSKRLNSILNAMSTIYSTGKVCKPNNPQECFLLEPGLDNIMGTSKDYNE
RLWAWEGWRAEVGKQLRPLYEEYVVLKNEMARGYHYEDYGDYWRRDYETEESSGSGYSRDQLMKDVDRIFTEIKPLYEHL
HAYVRTKLMDTYPFHISPTGCLPAHLLGDMWGRFWTNLYPLTVPFGQKPNIDVTDAMVNQGWDANRIFKEAEKFFVSVGL
PNMTEGFWNNSMLTEPGDGRKVVCHPTAWDLGKGDFRIKMCTKVTMEDFLTAHHEMGHIQYDMAYATQPYLLRNGANEGF
HEAVGEVMSLSVATPKHLKTMGLLSPDFLEDNETEINFLLKQALNIVGTLPFTYMLEKWRWMVFRGEIPKEEWMKKWWEM
KRDLVGVVEPVPHDETYCDPASLFHVANDYSFIRYYTRTIFEFQFHEALCRIAQHDGPLHKCDISNSTDAGKKLHQMLSV
GKSQPWTVTLKDIVDSRNMDVGPLLRYFEPLYTWLQEQNRKSHVGWNTDWSPYSDQSIKVRISLKSALGEKAYEWNDNEM
YLFRSSVAYAMREYFSKKNQPILFGVENVWVSNLKPRISFNFHVTSPGNVSDIIPRSEVEGAIRMSRSRINDAFRLDDNS
LEFLGIQPTLGPPYQPPVTIWLIVFGVVMAVVVVGIVVLIITGIRDRRKTDQARSEENPYSSVDLNKGENNPGFQNGDDV
QTSF
;
D
#
loop_
_chem_comp.id
_chem_comp.type
_chem_comp.name
_chem_comp.formula
NAG D-saccharide, beta linking 2-acetamido-2-deoxy-beta-D-glucopyranose 'C8 H15 N O6'
#
# COMPACT_ATOMS: atom_id res chain seq x y z
N ASN A 16 37.48 16.53 -52.50
CA ASN A 16 37.42 17.90 -52.00
C ASN A 16 36.24 18.10 -51.06
N LEU A 17 35.06 18.30 -51.62
CA LEU A 17 33.84 18.52 -50.86
C LEU A 17 32.87 17.37 -51.09
N CYS A 18 32.26 16.91 -50.00
CA CYS A 18 31.22 15.88 -50.05
C CYS A 18 30.17 16.25 -49.01
N PRO A 19 29.02 16.80 -49.43
CA PRO A 19 28.05 17.29 -48.45
C PRO A 19 27.28 16.17 -47.75
N PHE A 20 27.68 15.90 -46.51
CA PHE A 20 26.95 14.98 -45.65
C PHE A 20 26.84 15.48 -44.22
N GLY A 21 27.53 16.56 -43.86
CA GLY A 21 27.37 17.18 -42.56
C GLY A 21 26.18 18.11 -42.54
N GLN A 22 26.22 19.08 -41.61
CA GLN A 22 25.21 20.14 -41.41
C GLN A 22 23.78 19.60 -41.24
N VAL A 23 23.65 18.29 -40.98
CA VAL A 23 22.36 17.66 -40.77
C VAL A 23 22.49 16.85 -39.48
N PHE A 24 23.73 16.59 -39.06
CA PHE A 24 24.00 15.92 -37.80
C PHE A 24 24.35 16.88 -36.69
N ASN A 25 24.84 18.08 -37.02
CA ASN A 25 25.19 19.09 -36.04
C ASN A 25 24.25 20.29 -36.07
N ALA A 26 23.03 20.09 -36.59
CA ALA A 26 22.06 21.16 -36.64
C ALA A 26 21.58 21.52 -35.23
N SER A 27 21.29 22.80 -35.02
CA SER A 27 20.92 23.28 -33.69
C SER A 27 19.55 22.80 -33.24
N ASN A 28 18.67 22.40 -34.17
CA ASN A 28 17.35 21.92 -33.80
C ASN A 28 16.81 20.98 -34.88
N PHE A 29 16.05 19.98 -34.46
CA PHE A 29 15.31 19.11 -35.34
C PHE A 29 13.81 19.34 -35.16
N PRO A 30 13.01 19.14 -36.20
CA PRO A 30 11.55 19.24 -36.04
C PRO A 30 10.99 17.97 -35.40
N SER A 31 9.68 17.98 -35.21
CA SER A 31 9.00 16.81 -34.69
C SER A 31 8.92 15.72 -35.76
N VAL A 32 8.47 14.55 -35.35
CA VAL A 32 8.44 13.40 -36.26
C VAL A 32 7.41 13.61 -37.38
N TYR A 33 6.30 14.29 -37.09
CA TYR A 33 5.30 14.55 -38.12
C TYR A 33 5.73 15.61 -39.12
N ALA A 34 6.75 16.40 -38.80
CA ALA A 34 7.19 17.51 -39.65
C ALA A 34 8.63 17.30 -40.12
N TRP A 35 8.96 16.06 -40.49
CA TRP A 35 10.30 15.75 -40.97
C TRP A 35 10.55 16.38 -42.34
N GLU A 36 11.78 16.83 -42.55
CA GLU A 36 12.20 17.36 -43.85
C GLU A 36 13.38 16.56 -44.37
N ARG A 37 13.66 16.72 -45.65
CA ARG A 37 14.73 16.01 -46.34
C ARG A 37 15.84 16.97 -46.73
N LEU A 38 16.87 16.42 -47.36
CA LEU A 38 17.92 17.20 -47.99
C LEU A 38 18.14 16.66 -49.40
N ARG A 39 18.55 17.56 -50.32
CA ARG A 39 18.73 17.16 -51.71
C ARG A 39 19.97 16.29 -51.86
N ILE A 40 21.15 16.84 -51.52
CA ILE A 40 22.44 16.15 -51.56
C ILE A 40 22.75 15.55 -52.93
N ASP A 46 31.45 11.27 -48.47
CA ASP A 46 31.93 11.25 -47.10
C ASP A 46 31.05 10.37 -46.21
N TYR A 47 31.52 9.16 -45.93
CA TYR A 47 30.82 8.26 -45.04
C TYR A 47 31.68 7.80 -43.87
N ALA A 48 32.92 8.26 -43.78
CA ALA A 48 33.76 7.93 -42.63
C ALA A 48 33.35 8.68 -41.37
N VAL A 49 32.52 9.73 -41.49
CA VAL A 49 32.04 10.46 -40.32
C VAL A 49 30.96 9.71 -39.55
N LEU A 50 30.43 8.62 -40.11
CA LEU A 50 29.43 7.83 -39.38
C LEU A 50 30.08 7.02 -38.27
N TYR A 51 31.29 6.51 -38.50
CA TYR A 51 31.98 5.74 -37.47
C TYR A 51 32.62 6.65 -36.43
N ASN A 52 33.49 7.57 -36.89
CA ASN A 52 34.10 8.56 -36.01
C ASN A 52 33.22 9.81 -36.03
N SER A 53 32.12 9.74 -35.29
CA SER A 53 31.12 10.79 -35.26
C SER A 53 31.30 11.69 -34.05
N SER A 54 30.70 12.88 -34.12
CA SER A 54 30.68 13.78 -32.98
C SER A 54 29.86 13.19 -31.84
N SER A 55 28.73 12.56 -32.15
CA SER A 55 27.89 11.88 -31.18
C SER A 55 27.87 10.39 -31.51
N SER A 56 28.14 9.56 -30.50
CA SER A 56 28.09 8.13 -30.68
C SER A 56 26.64 7.68 -30.83
N PHE A 57 26.33 7.01 -31.93
CA PHE A 57 24.96 6.63 -32.23
C PHE A 57 24.52 5.46 -31.36
N SER A 58 23.23 5.46 -31.00
CA SER A 58 22.65 4.36 -30.25
C SER A 58 22.07 3.29 -31.16
N THR A 59 21.61 3.67 -32.35
CA THR A 59 21.08 2.74 -33.33
C THR A 59 21.85 2.91 -34.63
N PHE A 60 22.38 1.79 -35.15
CA PHE A 60 23.15 1.80 -36.39
C PHE A 60 22.61 0.75 -37.36
N LYS A 61 21.30 0.51 -37.32
CA LYS A 61 20.69 -0.53 -38.15
C LYS A 61 20.67 -0.08 -39.61
N CYS A 62 21.37 -0.82 -40.47
CA CYS A 62 21.42 -0.53 -41.89
C CYS A 62 20.83 -1.70 -42.67
N TYR A 63 19.90 -1.38 -43.57
CA TYR A 63 19.18 -2.36 -44.36
C TYR A 63 19.56 -2.21 -45.83
N GLY A 64 19.68 -3.34 -46.53
CA GLY A 64 20.08 -3.31 -47.92
C GLY A 64 21.59 -3.29 -48.06
N VAL A 65 22.15 -2.09 -48.25
CA VAL A 65 23.60 -1.96 -48.27
C VAL A 65 24.16 -2.14 -46.85
N SER A 66 25.44 -2.42 -46.78
CA SER A 66 26.10 -2.66 -45.51
C SER A 66 26.91 -1.44 -45.08
N PRO A 67 27.07 -1.23 -43.76
CA PRO A 67 27.95 -0.14 -43.32
C PRO A 67 29.40 -0.34 -43.72
N THR A 68 29.97 -1.51 -43.41
CA THR A 68 31.27 -1.86 -43.94
C THR A 68 31.14 -2.21 -45.42
N LYS A 69 32.12 -1.77 -46.21
CA LYS A 69 32.12 -1.88 -47.67
C LYS A 69 30.88 -1.21 -48.27
N LEU A 70 30.80 0.10 -48.06
CA LEU A 70 29.65 0.90 -48.46
C LEU A 70 29.92 1.74 -49.70
N ASN A 71 31.09 2.38 -49.78
CA ASN A 71 31.40 3.29 -50.88
C ASN A 71 32.00 2.54 -52.07
N ASP A 72 31.22 1.60 -52.59
CA ASP A 72 31.56 0.88 -53.81
C ASP A 72 30.44 0.91 -54.84
N LEU A 73 29.19 0.89 -54.40
CA LEU A 73 28.03 1.08 -55.28
C LEU A 73 27.61 2.54 -55.13
N CYS A 74 28.06 3.38 -56.06
CA CYS A 74 27.83 4.81 -55.95
C CYS A 74 26.37 5.17 -56.22
N PHE A 75 25.90 6.20 -55.54
CA PHE A 75 24.52 6.65 -55.63
C PHE A 75 24.48 8.07 -56.18
N SER A 76 23.48 8.36 -57.00
CA SER A 76 23.34 9.66 -57.62
C SER A 76 22.51 10.64 -56.79
N SER A 77 21.82 10.17 -55.75
CA SER A 77 21.01 11.05 -54.91
C SER A 77 20.83 10.41 -53.54
N VAL A 78 21.01 11.20 -52.49
CA VAL A 78 20.89 10.74 -51.12
C VAL A 78 19.91 11.65 -50.39
N TYR A 79 18.91 11.07 -49.75
CA TYR A 79 17.97 11.82 -48.92
C TYR A 79 18.25 11.55 -47.45
N ALA A 80 18.19 12.61 -46.65
CA ALA A 80 18.43 12.52 -45.21
C ALA A 80 17.22 13.09 -44.48
N ASP A 81 16.30 12.23 -44.09
CA ASP A 81 15.12 12.64 -43.32
C ASP A 81 15.49 12.66 -41.84
N TYR A 82 15.30 13.80 -41.19
CA TYR A 82 15.70 13.98 -39.81
C TYR A 82 14.54 14.50 -38.98
N PHE A 83 14.38 13.93 -37.79
CA PHE A 83 13.30 14.29 -36.88
C PHE A 83 13.70 13.85 -35.48
N VAL A 84 12.75 13.93 -34.54
CA VAL A 84 12.97 13.54 -33.15
C VAL A 84 11.81 12.65 -32.71
N VAL A 85 12.13 11.48 -32.19
CA VAL A 85 11.10 10.57 -31.68
C VAL A 85 11.37 10.26 -30.22
N LYS A 86 10.49 9.47 -29.62
CA LYS A 86 10.67 8.96 -28.27
C LYS A 86 11.75 7.87 -28.27
N GLY A 87 12.24 7.53 -27.09
CA GLY A 87 13.26 6.49 -26.98
C GLY A 87 12.75 5.12 -27.41
N ASP A 88 11.51 4.80 -27.04
CA ASP A 88 10.90 3.54 -27.47
C ASP A 88 10.39 3.57 -28.89
N ASP A 89 10.33 4.75 -29.52
CA ASP A 89 9.82 4.87 -30.87
C ASP A 89 10.89 4.70 -31.95
N VAL A 90 12.17 4.55 -31.56
CA VAL A 90 13.24 4.37 -32.52
C VAL A 90 13.10 3.04 -33.24
N ARG A 91 12.51 2.03 -32.57
CA ARG A 91 12.28 0.73 -33.16
C ARG A 91 11.35 0.80 -34.37
N GLN A 92 10.45 1.78 -34.41
CA GLN A 92 9.45 1.85 -35.46
C GLN A 92 9.93 2.50 -36.75
N ILE A 93 11.15 3.04 -36.77
CA ILE A 93 11.73 3.56 -38.02
C ILE A 93 12.59 2.43 -38.59
N ALA A 94 11.95 1.59 -39.41
CA ALA A 94 12.54 0.44 -40.07
C ALA A 94 11.57 -0.05 -41.13
N PRO A 95 12.04 -0.73 -42.17
CA PRO A 95 11.10 -1.32 -43.14
C PRO A 95 10.22 -2.40 -42.50
N ALA A 96 8.96 -2.43 -42.94
CA ALA A 96 7.96 -3.41 -42.51
C ALA A 96 7.77 -3.39 -40.99
N GLN A 97 7.30 -2.25 -40.49
CA GLN A 97 7.04 -2.07 -39.07
C GLN A 97 5.65 -1.50 -38.85
N THR A 98 5.05 -1.86 -37.72
CA THR A 98 3.72 -1.40 -37.34
C THR A 98 3.81 -0.64 -36.04
N GLY A 99 3.26 0.57 -36.03
CA GLY A 99 3.28 1.41 -34.84
C GLY A 99 2.62 2.72 -35.16
N VAL A 100 2.55 3.58 -34.14
CA VAL A 100 1.96 4.91 -34.32
C VAL A 100 2.82 5.74 -35.28
N ILE A 101 4.15 5.69 -35.08
CA ILE A 101 5.07 6.44 -35.93
C ILE A 101 5.05 5.90 -37.36
N ALA A 102 5.00 4.57 -37.50
CA ALA A 102 5.00 3.98 -38.84
C ALA A 102 3.68 4.22 -39.56
N ASP A 103 2.55 4.09 -38.85
CA ASP A 103 1.26 4.21 -39.52
C ASP A 103 0.88 5.66 -39.81
N TYR A 104 1.24 6.60 -38.93
CA TYR A 104 0.74 7.96 -39.03
C TYR A 104 1.80 9.03 -39.19
N ASN A 105 3.03 8.80 -38.75
CA ASN A 105 4.06 9.85 -38.71
C ASN A 105 5.11 9.70 -39.80
N TYR A 106 5.79 8.55 -39.86
CA TYR A 106 6.88 8.37 -40.81
C TYR A 106 6.91 6.90 -41.23
N LYS A 107 6.76 6.65 -42.52
CA LYS A 107 6.71 5.30 -43.06
C LYS A 107 7.86 5.06 -44.02
N LEU A 108 8.48 3.89 -43.91
CA LEU A 108 9.51 3.43 -44.82
C LEU A 108 8.97 2.33 -45.73
N PRO A 109 9.45 2.24 -46.96
CA PRO A 109 8.98 1.18 -47.86
C PRO A 109 9.45 -0.20 -47.40
N ASP A 110 8.75 -1.23 -47.88
CA ASP A 110 9.09 -2.60 -47.52
C ASP A 110 10.41 -3.04 -48.12
N ASP A 111 10.84 -2.44 -49.22
CA ASP A 111 12.13 -2.74 -49.85
C ASP A 111 13.10 -1.58 -49.67
N PHE A 112 13.08 -0.97 -48.48
CA PHE A 112 13.94 0.17 -48.20
C PHE A 112 15.39 -0.26 -48.08
N THR A 113 16.29 0.55 -48.66
CA THR A 113 17.72 0.34 -48.54
C THR A 113 18.37 1.60 -47.98
N GLY A 114 19.36 1.41 -47.11
CA GLY A 114 20.01 2.49 -46.41
C GLY A 114 20.08 2.20 -44.93
N CYS A 115 20.68 3.15 -44.20
CA CYS A 115 20.91 2.99 -42.77
C CYS A 115 20.04 3.97 -41.98
N VAL A 116 19.61 3.52 -40.80
CA VAL A 116 18.84 4.33 -39.86
C VAL A 116 19.74 4.63 -38.67
N LEU A 117 19.95 5.91 -38.40
CA LEU A 117 20.87 6.36 -37.36
C LEU A 117 20.11 7.13 -36.30
N ALA A 118 20.41 6.86 -35.04
CA ALA A 118 19.75 7.54 -33.94
C ALA A 118 20.72 7.70 -32.77
N TRP A 119 20.51 8.73 -31.97
CA TRP A 119 21.33 8.94 -30.78
C TRP A 119 20.53 9.73 -29.74
N ASN A 120 20.86 9.49 -28.48
CA ASN A 120 20.15 10.14 -27.38
C ASN A 120 20.54 11.62 -27.28
N THR A 121 19.53 12.46 -27.08
CA THR A 121 19.73 13.90 -26.88
C THR A 121 18.87 14.39 -25.72
N ASN A 122 18.95 13.69 -24.58
CA ASN A 122 18.23 14.13 -23.39
C ASN A 122 18.79 15.42 -22.83
N SER A 123 20.10 15.65 -22.98
CA SER A 123 20.72 16.86 -22.48
C SER A 123 20.44 18.08 -23.35
N VAL A 124 20.01 17.88 -24.60
CA VAL A 124 19.82 18.97 -25.55
C VAL A 124 18.33 19.21 -25.83
N ASP A 125 17.63 18.21 -26.34
CA ASP A 125 16.27 18.39 -26.81
C ASP A 125 15.23 18.37 -25.69
N SER A 126 15.62 18.03 -24.47
CA SER A 126 14.70 17.99 -23.35
C SER A 126 14.94 19.10 -22.34
N LYS A 127 16.01 19.86 -22.49
CA LYS A 127 16.31 20.93 -21.54
C LYS A 127 15.43 22.15 -21.76
N SER A 128 15.14 22.48 -23.02
CA SER A 128 14.42 23.69 -23.35
C SER A 128 12.94 23.56 -23.02
N GLY A 129 12.21 24.66 -23.17
CA GLY A 129 10.78 24.67 -22.91
C GLY A 129 9.96 24.43 -24.17
N ASN A 130 10.61 23.95 -25.22
CA ASN A 130 9.93 23.65 -26.47
C ASN A 130 9.15 22.35 -26.35
N ASN A 131 8.42 22.01 -27.41
CA ASN A 131 7.59 20.83 -27.44
C ASN A 131 7.81 20.05 -28.72
N PHE A 132 7.71 18.72 -28.62
CA PHE A 132 7.80 17.82 -29.76
C PHE A 132 6.49 17.05 -29.86
N TYR A 133 6.00 16.88 -31.09
CA TYR A 133 4.66 16.37 -31.32
C TYR A 133 4.71 15.14 -32.22
N TYR A 134 3.63 14.35 -32.14
CA TYR A 134 3.48 13.18 -32.99
C TYR A 134 1.99 12.98 -33.27
N ARG A 135 1.69 12.55 -34.50
CA ARG A 135 0.30 12.36 -34.93
C ARG A 135 -0.20 11.02 -34.38
N LEU A 136 -0.98 11.07 -33.31
CA LEU A 136 -1.56 9.85 -32.76
C LEU A 136 -2.76 9.37 -33.56
N PHE A 137 -3.53 10.27 -34.15
CA PHE A 137 -4.78 9.94 -34.80
C PHE A 137 -4.78 10.43 -36.24
N ARG A 138 -5.15 9.55 -37.16
CA ARG A 138 -5.26 9.89 -38.57
C ARG A 138 -6.29 8.97 -39.22
N HIS A 139 -6.88 9.44 -40.31
CA HIS A 139 -7.87 8.67 -41.06
C HIS A 139 -7.13 7.78 -42.05
N GLY A 140 -6.78 6.59 -41.60
CA GLY A 140 -6.07 5.63 -42.42
C GLY A 140 -4.56 5.74 -42.27
N LYS A 141 -3.87 4.69 -42.72
CA LYS A 141 -2.42 4.65 -42.64
C LYS A 141 -1.80 5.58 -43.68
N ILE A 142 -0.50 5.80 -43.55
CA ILE A 142 0.22 6.75 -44.39
C ILE A 142 1.10 5.97 -45.37
N LYS A 143 1.34 6.58 -46.52
CA LYS A 143 2.23 6.01 -47.52
C LYS A 143 3.68 6.30 -47.15
N PRO A 144 4.63 5.52 -47.68
CA PRO A 144 6.05 5.85 -47.48
C PRO A 144 6.39 7.21 -48.08
N TYR A 145 7.24 7.95 -47.36
CA TYR A 145 7.70 9.30 -47.73
C TYR A 145 6.53 10.26 -47.94
N GLU A 146 5.51 10.14 -47.10
CA GLU A 146 4.38 11.06 -47.13
C GLU A 146 4.39 11.91 -45.86
N ARG A 147 4.24 13.22 -46.03
CA ARG A 147 4.30 14.18 -44.95
C ARG A 147 2.90 14.69 -44.65
N ASP A 148 2.51 14.67 -43.38
CA ASP A 148 1.18 15.07 -42.95
C ASP A 148 1.32 16.05 -41.79
N ILE A 149 1.04 17.33 -42.05
CA ILE A 149 1.21 18.39 -41.07
C ILE A 149 -0.11 19.08 -40.73
N SER A 150 -1.24 18.43 -41.02
CA SER A 150 -2.54 19.04 -40.80
C SER A 150 -2.87 19.12 -39.31
N ASN A 151 -3.45 20.25 -38.92
CA ASN A 151 -3.92 20.47 -37.55
C ASN A 151 -5.44 20.31 -37.43
N VAL A 152 -6.09 19.75 -38.45
CA VAL A 152 -7.53 19.54 -38.41
C VAL A 152 -7.86 18.48 -37.37
N LEU A 153 -8.87 18.77 -36.55
CA LEU A 153 -9.27 17.86 -35.48
C LEU A 153 -9.76 16.54 -36.05
N TYR A 154 -9.47 15.45 -35.33
CA TYR A 154 -9.81 14.10 -35.74
C TYR A 154 -11.12 13.68 -35.09
N ASN A 155 -12.11 13.33 -35.91
CA ASN A 155 -13.35 12.74 -35.43
C ASN A 155 -13.30 11.23 -35.66
N SER A 156 -13.77 10.48 -34.66
CA SER A 156 -13.74 9.02 -34.75
C SER A 156 -14.65 8.50 -35.86
N ALA A 157 -15.82 9.10 -36.01
CA ALA A 157 -16.72 8.69 -37.09
C ALA A 157 -16.23 9.20 -38.43
N GLY A 158 -16.00 10.50 -38.54
CA GLY A 158 -15.53 11.08 -39.77
C GLY A 158 -15.81 12.58 -39.81
N GLY A 159 -15.37 13.20 -40.90
CA GLY A 159 -15.59 14.61 -41.07
C GLY A 159 -14.71 15.45 -40.16
N THR A 160 -15.17 16.68 -39.91
CA THR A 160 -14.47 17.63 -39.06
C THR A 160 -15.43 18.07 -37.95
N CYS A 161 -15.09 17.76 -36.70
CA CYS A 161 -15.95 18.15 -35.59
C CYS A 161 -15.87 19.64 -35.32
N SER A 162 -14.66 20.20 -35.35
CA SER A 162 -14.36 21.61 -35.05
C SER A 162 -14.83 22.00 -33.66
N SER A 163 -14.83 21.06 -32.72
CA SER A 163 -15.24 21.32 -31.35
C SER A 163 -14.63 20.24 -30.47
N ILE A 164 -13.69 20.63 -29.60
CA ILE A 164 -13.06 19.66 -28.71
C ILE A 164 -14.01 19.26 -27.58
N SER A 165 -15.03 20.07 -27.30
CA SER A 165 -15.99 19.76 -26.23
C SER A 165 -17.17 18.97 -26.82
N GLN A 166 -16.85 17.76 -27.25
CA GLN A 166 -17.83 16.86 -27.85
C GLN A 166 -17.46 15.43 -27.51
N LEU A 167 -18.05 14.47 -28.21
CA LEU A 167 -17.77 13.06 -28.03
C LEU A 167 -17.22 12.49 -29.33
N GLY A 168 -16.09 11.80 -29.24
CA GLY A 168 -15.49 11.17 -30.39
C GLY A 168 -14.48 12.01 -31.15
N CYS A 169 -14.26 13.27 -30.75
CA CYS A 169 -13.31 14.14 -31.41
C CYS A 169 -12.14 14.42 -30.47
N TYR A 170 -10.92 14.20 -30.95
CA TYR A 170 -9.72 14.36 -30.15
C TYR A 170 -8.66 15.10 -30.96
N GLU A 171 -7.72 15.70 -30.25
CA GLU A 171 -6.61 16.40 -30.89
C GLU A 171 -5.65 15.39 -31.50
N PRO A 172 -5.33 15.50 -32.79
CA PRO A 172 -4.44 14.50 -33.40
C PRO A 172 -3.00 14.58 -32.92
N LEU A 173 -2.44 15.78 -32.86
CA LEU A 173 -1.03 15.96 -32.52
C LEU A 173 -0.86 15.92 -31.01
N LYS A 174 -0.33 14.81 -30.51
CA LYS A 174 -0.05 14.66 -29.10
C LYS A 174 1.40 15.05 -28.81
N SER A 175 1.66 15.35 -27.54
CA SER A 175 2.96 15.85 -27.12
C SER A 175 3.78 14.74 -26.48
N TYR A 176 5.06 14.69 -26.86
CA TYR A 176 6.00 13.80 -26.18
C TYR A 176 6.17 14.17 -24.71
N GLY A 177 6.24 15.47 -24.42
CA GLY A 177 6.38 15.93 -23.05
C GLY A 177 7.72 15.58 -22.47
N PHE A 178 8.78 16.16 -23.03
CA PHE A 178 10.14 15.76 -22.67
C PHE A 178 10.59 16.47 -21.40
N THR A 179 11.08 15.68 -20.45
CA THR A 179 11.64 16.11 -19.18
C THR A 179 12.97 15.40 -19.00
N PRO A 180 14.00 16.08 -18.49
CA PRO A 180 15.31 15.41 -18.34
C PRO A 180 15.36 14.30 -17.29
N THR A 181 14.24 13.97 -16.63
CA THR A 181 14.21 12.91 -15.63
C THR A 181 13.33 11.74 -16.05
N VAL A 182 13.01 11.61 -17.35
CA VAL A 182 12.09 10.56 -17.75
C VAL A 182 12.80 9.21 -17.83
N GLY A 183 14.11 9.20 -18.05
CA GLY A 183 14.83 7.96 -18.20
C GLY A 183 14.76 7.41 -19.61
N VAL A 184 15.59 6.39 -19.85
CA VAL A 184 15.75 5.84 -21.19
C VAL A 184 14.48 5.13 -21.61
N GLY A 185 14.02 5.41 -22.84
CA GLY A 185 12.77 4.93 -23.36
C GLY A 185 11.77 6.05 -23.62
N TYR A 186 11.77 7.07 -22.78
CA TYR A 186 10.96 8.27 -22.99
C TYR A 186 11.81 9.49 -23.28
N GLN A 187 13.11 9.30 -23.49
CA GLN A 187 14.06 10.36 -23.76
C GLN A 187 14.05 10.74 -25.23
N PRO A 188 14.42 11.99 -25.56
CA PRO A 188 14.47 12.39 -26.96
C PRO A 188 15.60 11.69 -27.71
N TYR A 189 15.29 11.24 -28.92
CA TYR A 189 16.26 10.62 -29.81
C TYR A 189 16.20 11.31 -31.15
N ARG A 190 17.35 11.77 -31.64
CA ARG A 190 17.45 12.41 -32.94
C ARG A 190 17.73 11.34 -33.99
N VAL A 191 16.78 11.11 -34.88
CA VAL A 191 16.86 10.07 -35.89
C VAL A 191 17.14 10.71 -37.25
N VAL A 192 18.19 10.25 -37.91
CA VAL A 192 18.51 10.66 -39.26
C VAL A 192 18.51 9.41 -40.14
N VAL A 193 17.65 9.40 -41.15
CA VAL A 193 17.46 8.23 -42.01
C VAL A 193 18.07 8.54 -43.37
N LEU A 194 19.03 7.71 -43.78
CA LEU A 194 19.66 7.83 -45.09
C LEU A 194 19.03 6.79 -46.02
N SER A 195 18.47 7.27 -47.14
CA SER A 195 17.82 6.42 -48.10
C SER A 195 18.41 6.64 -49.49
N PHE A 196 18.61 5.55 -50.23
CA PHE A 196 19.17 5.60 -51.56
C PHE A 196 18.24 4.89 -52.54
N GLU A 197 18.31 5.29 -53.81
CA GLU A 197 17.45 4.67 -54.82
C GLU A 197 17.94 3.28 -55.18
N LEU A 198 19.27 3.11 -55.30
CA LEU A 198 19.99 1.89 -55.66
C LEU A 198 19.76 1.49 -57.13
N LEU A 199 18.92 2.24 -57.85
CA LEU A 199 18.67 1.95 -59.25
C LEU A 199 18.53 3.20 -60.12
N ASN A 200 18.58 4.40 -59.54
CA ASN A 200 18.47 5.64 -60.31
C ASN A 200 19.87 6.21 -60.49
N ALA A 201 20.26 6.42 -61.75
CA ALA A 201 21.60 6.90 -62.07
C ALA A 201 21.55 7.74 -63.34
N PRO A 202 21.32 9.05 -63.21
CA PRO A 202 21.44 9.94 -64.37
C PRO A 202 22.87 10.45 -64.57
N ALA A 203 23.82 9.78 -63.93
CA ALA A 203 25.26 10.11 -63.98
C ALA A 203 25.52 11.53 -63.49
N THR A 204 25.20 11.75 -62.21
CA THR A 204 25.42 13.03 -61.56
C THR A 204 26.48 12.94 -60.46
N VAL A 205 26.31 12.03 -59.50
CA VAL A 205 27.25 11.86 -58.40
C VAL A 205 27.70 10.40 -58.39
N CYS A 206 29.01 10.20 -58.46
CA CYS A 206 29.60 8.87 -58.36
C CYS A 206 31.04 8.93 -57.88
N SER B 19 -15.80 3.59 -36.02
CA SER B 19 -17.21 3.82 -36.37
C SER B 19 -18.13 3.27 -35.29
N THR B 20 -17.99 1.98 -34.99
CA THR B 20 -18.84 1.32 -34.01
C THR B 20 -18.12 1.18 -32.67
N THR B 21 -18.82 0.62 -31.70
CA THR B 21 -18.22 0.27 -30.43
C THR B 21 -17.19 -0.84 -30.65
N GLU B 22 -16.07 -0.75 -29.92
CA GLU B 22 -14.80 -1.48 -30.01
C GLU B 22 -13.97 -0.96 -31.20
N ASP B 23 -14.53 -0.12 -32.06
CA ASP B 23 -13.74 0.62 -33.04
C ASP B 23 -13.53 2.08 -32.63
N ARG B 24 -14.19 2.53 -31.57
CA ARG B 24 -14.00 3.87 -31.05
C ARG B 24 -13.58 3.91 -29.59
N ALA B 25 -13.85 2.85 -28.82
CA ALA B 25 -13.42 2.81 -27.43
C ALA B 25 -11.90 2.69 -27.32
N LYS B 26 -11.26 2.01 -28.27
CA LYS B 26 -9.80 1.94 -28.27
C LYS B 26 -9.18 3.27 -28.68
N ILE B 27 -9.85 4.03 -29.55
CA ILE B 27 -9.39 5.38 -29.88
C ILE B 27 -9.56 6.29 -28.68
N PHE B 28 -10.66 6.12 -27.93
CA PHE B 28 -10.86 6.89 -26.71
C PHE B 28 -9.80 6.59 -25.67
N LEU B 29 -9.42 5.31 -25.55
CA LEU B 29 -8.36 4.94 -24.61
C LEU B 29 -6.97 5.31 -25.13
N ASP B 30 -6.80 5.35 -26.46
CA ASP B 30 -5.55 5.87 -27.02
C ASP B 30 -5.39 7.35 -26.70
N ASN B 31 -6.47 8.12 -26.80
CA ASN B 31 -6.43 9.53 -26.45
C ASN B 31 -6.24 9.71 -24.95
N PHE B 32 -6.83 8.82 -24.14
CA PHE B 32 -6.75 8.96 -22.69
C PHE B 32 -5.34 8.70 -22.19
N ASN B 33 -4.73 7.59 -22.62
CA ASN B 33 -3.45 7.16 -22.08
C ASN B 33 -2.34 8.15 -22.38
N HIS B 34 -2.31 8.67 -23.61
CA HIS B 34 -1.23 9.56 -24.06
C HIS B 34 -1.33 10.95 -23.45
N GLU B 35 -2.41 11.26 -22.75
CA GLU B 35 -2.53 12.49 -21.97
C GLU B 35 -2.50 12.24 -20.47
N ALA B 36 -3.08 11.12 -20.03
CA ALA B 36 -3.02 10.74 -18.62
C ALA B 36 -1.59 10.47 -18.19
N GLU B 37 -0.76 9.93 -19.09
CA GLU B 37 0.65 9.72 -18.78
C GLU B 37 1.35 11.03 -18.46
N ASP B 38 1.12 12.06 -19.28
CA ASP B 38 1.75 13.36 -19.09
C ASP B 38 1.25 14.04 -17.82
N LEU B 39 -0.07 14.03 -17.60
CA LEU B 39 -0.62 14.71 -16.42
C LEU B 39 -0.25 13.98 -15.14
N SER B 40 -0.23 12.64 -15.16
CA SER B 40 0.20 11.88 -14.00
C SER B 40 1.67 12.08 -13.71
N TYR B 41 2.50 12.21 -14.76
CA TYR B 41 3.91 12.49 -14.55
C TYR B 41 4.12 13.87 -13.93
N GLN B 42 3.36 14.87 -14.38
CA GLN B 42 3.47 16.20 -13.78
C GLN B 42 3.01 16.19 -12.32
N SER B 43 1.92 15.49 -12.02
CA SER B 43 1.45 15.39 -10.64
C SER B 43 2.45 14.66 -9.76
N SER B 44 3.05 13.58 -10.27
CA SER B 44 4.05 12.84 -9.49
C SER B 44 5.32 13.65 -9.30
N LEU B 45 5.71 14.44 -10.30
CA LEU B 45 6.86 15.32 -10.15
C LEU B 45 6.62 16.37 -9.08
N ALA B 46 5.42 16.97 -9.06
CA ALA B 46 5.09 17.94 -8.03
C ALA B 46 5.06 17.29 -6.65
N SER B 47 4.50 16.08 -6.56
CA SER B 47 4.43 15.38 -5.27
C SER B 47 5.81 15.01 -4.75
N TRP B 48 6.70 14.55 -5.64
CA TRP B 48 8.08 14.26 -5.24
C TRP B 48 8.81 15.53 -4.81
N GLU B 49 8.62 16.62 -5.56
CA GLU B 49 9.27 17.89 -5.22
C GLU B 49 8.78 18.41 -3.88
N TYR B 50 7.52 18.17 -3.53
CA TYR B 50 7.07 18.50 -2.19
C TYR B 50 7.69 17.56 -1.15
N ASN B 51 7.64 16.25 -1.41
CA ASN B 51 7.97 15.27 -0.38
C ASN B 51 9.45 15.29 -0.02
N THR B 52 10.33 15.62 -0.96
CA THR B 52 11.74 15.75 -0.62
C THR B 52 12.12 17.16 -0.20
N ASN B 53 11.26 18.16 -0.44
CA ASN B 53 11.56 19.56 -0.21
C ASN B 53 10.35 20.26 0.41
N ILE B 54 9.85 19.73 1.53
CA ILE B 54 8.67 20.28 2.20
C ILE B 54 8.92 21.75 2.56
N SER B 55 8.13 22.63 1.96
CA SER B 55 8.22 24.06 2.22
C SER B 55 6.86 24.68 1.87
N ASP B 56 6.80 26.01 1.94
CA ASP B 56 5.54 26.70 1.67
C ASP B 56 5.21 26.72 0.18
N GLU B 57 6.22 26.93 -0.66
CA GLU B 57 5.99 27.02 -2.11
C GLU B 57 5.88 25.66 -2.78
N ASN B 58 6.19 24.57 -2.07
CA ASN B 58 6.07 23.23 -2.64
C ASN B 58 4.79 22.53 -2.24
N VAL B 59 4.18 22.90 -1.11
CA VAL B 59 2.87 22.34 -0.77
C VAL B 59 1.77 22.96 -1.61
N GLN B 60 2.04 24.12 -2.21
CA GLN B 60 1.07 24.82 -3.04
C GLN B 60 0.93 24.20 -4.42
N LYS B 61 1.91 23.41 -4.86
CA LYS B 61 1.99 22.95 -6.23
C LYS B 61 1.27 21.62 -6.49
N MET B 62 0.80 20.92 -5.45
CA MET B 62 -0.08 19.78 -5.71
C MET B 62 -1.49 20.25 -6.06
N ASP B 63 -1.91 21.38 -5.49
CA ASP B 63 -3.21 21.95 -5.80
C ASP B 63 -3.23 22.68 -7.13
N GLU B 64 -2.11 22.72 -7.84
CA GLU B 64 -2.07 23.19 -9.22
C GLU B 64 -1.76 22.09 -10.22
N ALA B 65 -1.27 20.93 -9.78
CA ALA B 65 -1.00 19.82 -10.68
C ALA B 65 -1.94 18.65 -10.45
N GLY B 66 -2.07 18.22 -9.19
CA GLY B 66 -3.05 17.20 -8.85
C GLY B 66 -4.48 17.65 -9.09
N ALA B 67 -4.73 18.96 -9.03
CA ALA B 67 -6.05 19.48 -9.39
C ALA B 67 -6.37 19.24 -10.86
N LYS B 68 -5.43 19.56 -11.77
CA LYS B 68 -5.66 19.27 -13.18
C LYS B 68 -5.74 17.77 -13.44
N TRP B 69 -4.93 16.98 -12.73
CA TRP B 69 -4.99 15.53 -12.93
C TRP B 69 -6.35 14.96 -12.49
N SER B 70 -6.87 15.42 -11.35
CA SER B 70 -8.17 14.93 -10.89
C SER B 70 -9.30 15.41 -11.80
N ALA B 71 -9.22 16.66 -12.26
CA ALA B 71 -10.23 17.18 -13.18
C ALA B 71 -10.23 16.41 -14.50
N PHE B 72 -9.04 16.12 -15.04
CA PHE B 72 -8.94 15.33 -16.26
C PHE B 72 -9.43 13.91 -16.05
N TYR B 73 -9.12 13.32 -14.90
CA TYR B 73 -9.58 11.96 -14.61
C TYR B 73 -11.10 11.89 -14.52
N GLU B 74 -11.72 12.85 -13.84
CA GLU B 74 -13.17 12.83 -13.74
C GLU B 74 -13.84 13.18 -15.07
N GLU B 75 -13.22 14.04 -15.88
CA GLU B 75 -13.77 14.37 -17.19
C GLU B 75 -13.71 13.17 -18.13
N GLN B 76 -12.60 12.44 -18.12
CA GLN B 76 -12.49 11.25 -18.96
C GLN B 76 -13.31 10.10 -18.41
N SER B 77 -13.56 10.07 -17.10
CA SER B 77 -14.44 9.07 -16.53
C SER B 77 -15.89 9.33 -16.91
N LYS B 78 -16.30 10.60 -16.99
CA LYS B 78 -17.64 10.91 -17.46
C LYS B 78 -17.81 10.55 -18.94
N LEU B 79 -16.78 10.77 -19.75
CA LEU B 79 -16.86 10.43 -21.17
C LEU B 79 -16.74 8.94 -21.42
N ALA B 80 -16.21 8.18 -20.45
CA ALA B 80 -16.06 6.74 -20.64
C ALA B 80 -17.39 6.00 -20.54
N LYS B 81 -18.40 6.61 -19.93
CA LYS B 81 -19.71 5.96 -19.79
C LYS B 81 -20.47 5.87 -21.11
N ASN B 82 -20.04 6.61 -22.14
CA ASN B 82 -20.69 6.52 -23.44
C ASN B 82 -20.33 5.24 -24.19
N TYR B 83 -19.31 4.52 -23.75
CA TYR B 83 -18.94 3.25 -24.35
C TYR B 83 -19.34 2.12 -23.41
N PRO B 84 -20.38 1.36 -23.72
CA PRO B 84 -20.85 0.32 -22.80
C PRO B 84 -19.87 -0.83 -22.69
N LEU B 85 -19.91 -1.51 -21.54
CA LEU B 85 -19.09 -2.69 -21.32
C LEU B 85 -19.57 -3.89 -22.14
N GLU B 86 -20.78 -3.83 -22.70
CA GLU B 86 -21.23 -4.81 -23.66
C GLU B 86 -20.69 -4.44 -25.04
N GLU B 87 -20.73 -5.40 -25.97
CA GLU B 87 -20.31 -5.27 -27.36
C GLU B 87 -18.81 -4.96 -27.51
N ILE B 88 -18.02 -5.25 -26.48
CA ILE B 88 -16.57 -5.22 -26.56
C ILE B 88 -16.04 -6.55 -26.04
N GLN B 89 -15.14 -7.17 -26.79
CA GLN B 89 -14.70 -8.52 -26.53
C GLN B 89 -13.27 -8.62 -26.01
N THR B 90 -12.38 -7.75 -26.48
CA THR B 90 -10.98 -7.82 -26.07
C THR B 90 -10.81 -7.38 -24.63
N VAL B 91 -10.08 -8.19 -23.86
CA VAL B 91 -9.90 -8.04 -22.42
C VAL B 91 -9.23 -6.73 -22.00
N PRO B 92 -8.12 -6.26 -22.60
CA PRO B 92 -7.47 -5.06 -22.03
C PRO B 92 -8.30 -3.79 -22.12
N VAL B 93 -8.93 -3.49 -23.25
CA VAL B 93 -9.71 -2.25 -23.33
C VAL B 93 -10.99 -2.35 -22.52
N LYS B 94 -11.59 -3.54 -22.44
CA LYS B 94 -12.77 -3.73 -21.60
C LYS B 94 -12.43 -3.55 -20.13
N LEU B 95 -11.27 -4.04 -19.71
CA LEU B 95 -10.86 -3.89 -18.33
C LEU B 95 -10.40 -2.47 -18.03
N GLN B 96 -9.85 -1.76 -19.02
CA GLN B 96 -9.57 -0.34 -18.85
C GLN B 96 -10.85 0.46 -18.70
N LEU B 97 -11.88 0.13 -19.48
CA LEU B 97 -13.19 0.75 -19.28
C LEU B 97 -13.83 0.34 -17.96
N GLN B 98 -13.49 -0.82 -17.42
CA GLN B 98 -13.94 -1.20 -16.09
C GLN B 98 -13.24 -0.38 -15.01
N ILE B 99 -11.95 -0.06 -15.20
CA ILE B 99 -11.24 0.83 -14.29
C ILE B 99 -11.83 2.24 -14.38
N LEU B 100 -12.17 2.66 -15.61
CA LEU B 100 -12.97 3.86 -15.83
C LEU B 100 -14.44 3.53 -15.60
N GLN B 101 -15.35 4.40 -16.06
CA GLN B 101 -16.80 4.26 -15.91
C GLN B 101 -17.20 4.28 -14.43
N GLN B 102 -16.75 3.30 -13.65
CA GLN B 102 -16.67 3.49 -12.21
C GLN B 102 -15.88 4.76 -11.92
N SER B 103 -16.56 5.74 -11.35
CA SER B 103 -16.18 7.13 -11.49
C SER B 103 -15.15 7.52 -10.42
N GLY B 104 -14.44 8.63 -10.67
CA GLY B 104 -13.67 9.29 -9.63
C GLY B 104 -14.50 10.43 -9.09
N SER B 105 -15.68 10.62 -9.69
CA SER B 105 -16.67 11.59 -9.23
C SER B 105 -17.80 10.84 -8.55
N PRO B 106 -17.90 10.90 -7.22
CA PRO B 106 -18.94 10.16 -6.49
C PRO B 106 -20.34 10.68 -6.84
N VAL B 107 -21.32 9.79 -6.85
CA VAL B 107 -22.71 10.18 -7.05
C VAL B 107 -23.25 10.56 -5.68
N LEU B 108 -23.04 11.82 -5.30
CA LEU B 108 -23.36 12.30 -3.97
C LEU B 108 -23.62 13.80 -4.06
N SER B 109 -24.47 14.31 -3.17
CA SER B 109 -24.83 15.73 -3.18
C SER B 109 -23.63 16.60 -2.84
N GLU B 110 -23.65 17.85 -3.30
CA GLU B 110 -22.54 18.76 -3.03
C GLU B 110 -22.39 19.05 -1.55
N ASP B 111 -23.52 19.26 -0.86
CA ASP B 111 -23.50 19.43 0.60
C ASP B 111 -22.99 18.17 1.28
N LYS B 112 -23.42 17.00 0.81
CA LYS B 112 -23.00 15.74 1.43
C LYS B 112 -21.53 15.45 1.14
N SER B 113 -21.05 15.78 -0.06
CA SER B 113 -19.64 15.60 -0.36
C SER B 113 -18.76 16.54 0.44
N LYS B 114 -19.18 17.80 0.59
CA LYS B 114 -18.44 18.73 1.44
C LYS B 114 -18.44 18.29 2.90
N ARG B 115 -19.58 17.77 3.37
CA ARG B 115 -19.66 17.24 4.73
C ARG B 115 -18.73 16.05 4.90
N LEU B 116 -18.65 15.15 3.91
CA LEU B 116 -17.77 14.00 3.99
C LEU B 116 -16.30 14.41 4.02
N ASN B 117 -15.93 15.39 3.19
CA ASN B 117 -14.55 15.88 3.20
C ASN B 117 -14.21 16.54 4.53
N SER B 118 -15.14 17.32 5.09
CA SER B 118 -14.93 17.93 6.39
C SER B 118 -14.80 16.88 7.48
N ILE B 119 -15.59 15.81 7.40
CA ILE B 119 -15.54 14.74 8.39
C ILE B 119 -14.19 14.03 8.33
N LEU B 120 -13.72 13.69 7.12
CA LEU B 120 -12.44 13.00 6.97
C LEU B 120 -11.29 13.87 7.45
N ASN B 121 -11.33 15.17 7.15
CA ASN B 121 -10.32 16.09 7.66
C ASN B 121 -10.37 16.19 9.18
N ALA B 122 -11.58 16.16 9.76
CA ALA B 122 -11.72 16.23 11.21
C ALA B 122 -11.14 15.00 11.89
N MET B 123 -11.41 13.80 11.35
CA MET B 123 -10.82 12.60 11.94
C MET B 123 -9.31 12.57 11.78
N SER B 124 -8.79 13.01 10.63
CA SER B 124 -7.34 13.07 10.45
C SER B 124 -6.70 14.05 11.42
N THR B 125 -7.34 15.21 11.64
CA THR B 125 -6.80 16.21 12.57
C THR B 125 -6.87 15.73 14.01
N ILE B 126 -7.95 15.04 14.38
CA ILE B 126 -8.08 14.56 15.76
C ILE B 126 -7.07 13.44 16.03
N TYR B 127 -6.87 12.54 15.06
CA TYR B 127 -5.87 11.49 15.22
C TYR B 127 -4.46 12.06 15.27
N SER B 128 -4.17 13.06 14.41
CA SER B 128 -2.81 13.58 14.33
C SER B 128 -2.46 14.49 15.50
N THR B 129 -3.43 15.21 16.05
CA THR B 129 -3.19 16.21 17.08
C THR B 129 -3.97 15.90 18.36
N GLY B 130 -4.02 14.63 18.74
CA GLY B 130 -4.67 14.22 19.98
C GLY B 130 -3.65 14.01 21.08
N LYS B 131 -3.87 14.68 22.20
CA LYS B 131 -2.93 14.67 23.33
C LYS B 131 -3.57 14.01 24.54
N VAL B 132 -2.77 13.23 25.26
CA VAL B 132 -3.18 12.53 26.46
C VAL B 132 -2.32 13.00 27.62
N CYS B 133 -2.96 13.52 28.67
CA CYS B 133 -2.25 14.09 29.81
C CYS B 133 -2.32 13.14 30.99
N LYS B 134 -1.30 13.23 31.85
CA LYS B 134 -1.23 12.39 33.04
C LYS B 134 -2.32 12.80 34.04
N PRO B 135 -2.86 11.84 34.81
CA PRO B 135 -3.94 12.20 35.75
C PRO B 135 -3.45 13.07 36.91
N ASN B 136 -2.21 12.91 37.34
CA ASN B 136 -1.58 13.84 38.26
C ASN B 136 -0.57 14.70 37.51
N ASN B 137 -0.52 15.99 37.88
CA ASN B 137 0.23 17.03 37.18
C ASN B 137 -0.14 17.05 35.70
N PRO B 138 -1.33 17.55 35.34
CA PRO B 138 -1.80 17.46 33.96
C PRO B 138 -1.16 18.45 32.98
N GLN B 139 -0.06 19.11 33.37
CA GLN B 139 0.56 20.09 32.48
C GLN B 139 1.46 19.44 31.43
N GLU B 140 1.80 18.17 31.55
CA GLU B 140 2.50 17.45 30.49
C GLU B 140 1.55 16.47 29.82
N CYS B 141 1.50 16.53 28.49
CA CYS B 141 0.62 15.70 27.70
C CYS B 141 1.41 15.11 26.54
N PHE B 142 1.00 13.93 26.11
CA PHE B 142 1.73 13.16 25.10
C PHE B 142 0.89 12.99 23.85
N LEU B 143 1.47 13.27 22.70
CA LEU B 143 0.88 12.87 21.43
C LEU B 143 1.07 11.37 21.22
N LEU B 144 0.40 10.84 20.20
CA LEU B 144 0.48 9.40 19.96
C LEU B 144 1.87 8.99 19.48
N GLU B 145 2.40 9.68 18.47
CA GLU B 145 3.67 9.21 17.94
C GLU B 145 4.84 9.73 18.80
N PRO B 146 4.91 11.04 19.20
CA PRO B 146 5.84 11.39 20.29
C PRO B 146 5.24 11.06 21.66
N GLY B 147 5.71 9.99 22.27
CA GLY B 147 5.44 9.80 23.69
C GLY B 147 4.53 8.67 24.09
N LEU B 148 3.39 8.50 23.42
CA LEU B 148 2.50 7.40 23.78
C LEU B 148 2.93 6.10 23.13
N ASP B 149 3.47 6.16 21.91
CA ASP B 149 4.03 4.96 21.28
C ASP B 149 5.29 4.51 22.00
N ASN B 150 6.06 5.44 22.55
CA ASN B 150 7.22 5.08 23.36
C ASN B 150 6.81 4.31 24.61
N ILE B 151 5.74 4.75 25.27
CA ILE B 151 5.25 4.06 26.46
C ILE B 151 4.65 2.70 26.08
N MET B 152 3.92 2.64 24.96
CA MET B 152 3.34 1.38 24.53
C MET B 152 4.40 0.38 24.07
N GLY B 153 5.53 0.86 23.56
CA GLY B 153 6.57 -0.05 23.11
C GLY B 153 7.55 -0.49 24.18
N THR B 154 8.01 0.44 25.01
CA THR B 154 9.12 0.16 25.90
C THR B 154 8.74 -0.09 27.35
N SER B 155 7.63 0.48 27.83
CA SER B 155 7.31 0.41 29.25
C SER B 155 6.76 -0.96 29.63
N LYS B 156 7.27 -1.49 30.74
CA LYS B 156 6.77 -2.73 31.32
C LYS B 156 5.97 -2.48 32.60
N ASP B 157 5.58 -1.24 32.86
CA ASP B 157 4.73 -0.92 34.00
C ASP B 157 3.28 -1.14 33.64
N TYR B 158 2.53 -1.80 34.52
CA TYR B 158 1.12 -2.06 34.26
C TYR B 158 0.30 -0.77 34.31
N ASN B 159 0.53 0.06 35.33
CA ASN B 159 -0.31 1.23 35.55
C ASN B 159 -0.07 2.30 34.50
N GLU B 160 1.19 2.52 34.11
CA GLU B 160 1.49 3.48 33.05
C GLU B 160 0.92 3.03 31.72
N ARG B 161 1.01 1.74 31.42
CA ARG B 161 0.44 1.21 30.19
C ARG B 161 -1.08 1.34 30.19
N LEU B 162 -1.73 1.06 31.32
CA LEU B 162 -3.18 1.20 31.39
C LEU B 162 -3.60 2.67 31.28
N TRP B 163 -2.82 3.58 31.87
CA TRP B 163 -3.13 5.00 31.75
C TRP B 163 -2.99 5.47 30.31
N ALA B 164 -1.94 5.03 29.60
CA ALA B 164 -1.77 5.43 28.21
C ALA B 164 -2.80 4.78 27.31
N TRP B 165 -3.29 3.59 27.69
CA TRP B 165 -4.31 2.91 26.90
C TRP B 165 -5.69 3.51 27.07
N GLU B 166 -6.02 3.97 28.29
CA GLU B 166 -7.34 4.55 28.53
C GLU B 166 -7.38 6.06 28.32
N GLY B 167 -6.25 6.75 28.43
CA GLY B 167 -6.21 8.15 28.01
C GLY B 167 -6.46 8.30 26.53
N TRP B 168 -5.82 7.45 25.72
CA TRP B 168 -6.25 7.27 24.35
C TRP B 168 -7.59 6.54 24.34
N ARG B 169 -8.35 6.74 23.26
CA ARG B 169 -9.70 6.22 23.01
C ARG B 169 -10.77 6.88 23.88
N ALA B 170 -10.36 7.72 24.84
CA ALA B 170 -11.32 8.46 25.65
C ALA B 170 -11.17 9.96 25.49
N GLU B 171 -9.94 10.46 25.36
CA GLU B 171 -9.73 11.84 24.96
C GLU B 171 -9.67 12.01 23.45
N VAL B 172 -9.63 10.91 22.70
CA VAL B 172 -9.51 10.96 21.24
C VAL B 172 -10.63 10.16 20.59
N GLY B 173 -10.82 8.91 21.03
CA GLY B 173 -11.86 8.07 20.45
C GLY B 173 -13.27 8.57 20.71
N LYS B 174 -13.49 9.17 21.89
CA LYS B 174 -14.78 9.79 22.17
C LYS B 174 -15.04 10.99 21.27
N GLN B 175 -13.98 11.68 20.85
CA GLN B 175 -14.13 12.73 19.84
C GLN B 175 -14.40 12.16 18.46
N LEU B 176 -13.99 10.92 18.20
CA LEU B 176 -14.12 10.31 16.89
C LEU B 176 -15.37 9.46 16.72
N ARG B 177 -16.11 9.21 17.80
CA ARG B 177 -17.33 8.40 17.67
C ARG B 177 -18.42 9.02 16.79
N PRO B 178 -18.90 10.26 17.00
CA PRO B 178 -19.99 10.73 16.12
C PRO B 178 -19.53 11.05 14.71
N LEU B 179 -18.28 11.48 14.57
CA LEU B 179 -17.70 11.65 13.23
C LEU B 179 -17.65 10.32 12.50
N TYR B 180 -17.33 9.23 13.21
CA TYR B 180 -17.32 7.93 12.56
C TYR B 180 -18.73 7.45 12.21
N GLU B 181 -19.72 7.74 13.06
CA GLU B 181 -21.11 7.38 12.73
C GLU B 181 -21.57 8.08 11.45
N GLU B 182 -21.37 9.39 11.39
CA GLU B 182 -21.81 10.13 10.21
C GLU B 182 -20.95 9.80 8.99
N TYR B 183 -19.68 9.44 9.21
CA TYR B 183 -18.81 8.95 8.15
C TYR B 183 -19.34 7.64 7.57
N VAL B 184 -19.78 6.73 8.44
CA VAL B 184 -20.34 5.46 7.98
C VAL B 184 -21.59 5.70 7.15
N VAL B 185 -22.46 6.59 7.62
CA VAL B 185 -23.70 6.90 6.89
C VAL B 185 -23.38 7.50 5.52
N LEU B 186 -22.47 8.47 5.48
CA LEU B 186 -22.15 9.15 4.22
C LEU B 186 -21.42 8.22 3.25
N LYS B 187 -20.54 7.35 3.76
CA LYS B 187 -19.84 6.41 2.89
C LYS B 187 -20.75 5.34 2.35
N ASN B 188 -21.73 4.88 3.14
CA ASN B 188 -22.72 3.95 2.62
C ASN B 188 -23.58 4.61 1.55
N GLU B 189 -23.96 5.87 1.77
CA GLU B 189 -24.71 6.61 0.75
C GLU B 189 -23.90 6.80 -0.53
N MET B 190 -22.59 7.05 -0.39
CA MET B 190 -21.72 7.23 -1.55
C MET B 190 -21.53 5.92 -2.30
N ALA B 191 -21.33 4.82 -1.58
CA ALA B 191 -21.07 3.54 -2.23
C ALA B 191 -22.33 2.94 -2.84
N ARG B 192 -23.51 3.26 -2.29
CA ARG B 192 -24.74 2.82 -2.93
C ARG B 192 -25.00 3.53 -4.25
N GLY B 193 -24.41 4.72 -4.45
CA GLY B 193 -24.48 5.39 -5.73
C GLY B 193 -23.55 4.86 -6.79
N TYR B 194 -22.58 4.03 -6.41
CA TYR B 194 -21.71 3.33 -7.33
C TYR B 194 -22.24 1.95 -7.70
N HIS B 195 -23.55 1.72 -7.48
CA HIS B 195 -24.23 0.44 -7.74
C HIS B 195 -23.62 -0.70 -6.95
N TYR B 196 -23.09 -0.40 -5.76
CA TYR B 196 -22.73 -1.40 -4.76
C TYR B 196 -23.81 -1.42 -3.68
N GLU B 197 -23.56 -2.18 -2.63
CA GLU B 197 -24.49 -2.23 -1.51
C GLU B 197 -23.93 -1.59 -0.25
N ASP B 198 -22.62 -1.66 -0.04
CA ASP B 198 -21.98 -1.24 1.18
C ASP B 198 -20.71 -0.49 0.84
N TYR B 199 -20.17 0.25 1.82
CA TYR B 199 -18.81 0.76 1.65
C TYR B 199 -17.79 -0.36 1.76
N GLY B 200 -18.09 -1.38 2.57
CA GLY B 200 -17.24 -2.56 2.60
C GLY B 200 -17.27 -3.33 1.29
N ASP B 201 -18.42 -3.36 0.62
CA ASP B 201 -18.49 -3.98 -0.70
C ASP B 201 -17.73 -3.15 -1.73
N TYR B 202 -17.77 -1.82 -1.61
CA TYR B 202 -17.01 -0.96 -2.51
C TYR B 202 -15.51 -1.08 -2.26
N TRP B 203 -15.11 -1.35 -1.01
CA TRP B 203 -13.71 -1.68 -0.74
C TRP B 203 -13.32 -3.00 -1.37
N ARG B 204 -14.29 -3.90 -1.56
CA ARG B 204 -14.08 -5.18 -2.23
C ARG B 204 -14.34 -5.10 -3.73
N ARG B 205 -14.14 -3.94 -4.34
CA ARG B 205 -14.13 -3.88 -5.80
C ARG B 205 -12.84 -4.51 -6.33
N ASP B 206 -11.79 -4.51 -5.52
CA ASP B 206 -10.67 -5.41 -5.74
C ASP B 206 -11.08 -6.82 -5.36
N TYR B 207 -10.24 -7.79 -5.75
CA TYR B 207 -10.57 -9.23 -5.68
C TYR B 207 -11.88 -9.51 -6.42
N GLU B 208 -12.06 -8.89 -7.58
CA GLU B 208 -13.27 -9.06 -8.38
C GLU B 208 -12.83 -9.31 -9.83
N THR B 209 -12.92 -10.57 -10.26
CA THR B 209 -12.51 -10.99 -11.58
C THR B 209 -13.68 -11.67 -12.30
N GLU B 210 -13.62 -11.66 -13.62
CA GLU B 210 -14.53 -12.45 -14.45
C GLU B 210 -13.75 -13.01 -15.63
N GLU B 211 -13.79 -14.33 -15.79
CA GLU B 211 -13.07 -14.97 -16.89
C GLU B 211 -14.02 -15.63 -17.89
N SER B 212 -14.85 -16.57 -17.46
CA SER B 212 -15.73 -17.31 -18.35
C SER B 212 -16.76 -18.06 -17.52
N SER B 213 -18.01 -18.05 -18.00
CA SER B 213 -19.11 -18.86 -17.46
C SER B 213 -19.41 -18.53 -15.99
N GLY B 214 -19.11 -17.31 -15.57
CA GLY B 214 -19.39 -16.90 -14.20
C GLY B 214 -18.56 -17.58 -13.15
N SER B 215 -17.37 -18.05 -13.51
CA SER B 215 -16.48 -18.73 -12.57
C SER B 215 -15.48 -17.78 -11.92
N GLY B 216 -15.69 -16.48 -12.04
CA GLY B 216 -14.75 -15.52 -11.50
C GLY B 216 -14.84 -15.37 -10.00
N TYR B 217 -13.91 -14.59 -9.47
CA TYR B 217 -13.83 -14.33 -8.04
C TYR B 217 -14.78 -13.19 -7.69
N SER B 218 -15.69 -13.42 -6.76
CA SER B 218 -16.70 -12.44 -6.39
C SER B 218 -16.28 -11.70 -5.12
N ARG B 219 -17.03 -10.63 -4.83
CA ARG B 219 -16.78 -9.87 -3.61
C ARG B 219 -17.13 -10.67 -2.37
N ASP B 220 -18.19 -11.48 -2.43
CA ASP B 220 -18.58 -12.33 -1.31
C ASP B 220 -17.66 -13.54 -1.14
N GLN B 221 -16.87 -13.88 -2.16
CA GLN B 221 -15.91 -14.98 -2.02
C GLN B 221 -14.74 -14.59 -1.13
N LEU B 222 -14.43 -13.29 -1.05
CA LEU B 222 -13.31 -12.84 -0.24
C LEU B 222 -13.55 -13.09 1.24
N MET B 223 -14.76 -12.84 1.72
CA MET B 223 -15.08 -13.09 3.13
C MET B 223 -15.00 -14.57 3.46
N LYS B 224 -15.50 -15.43 2.57
CA LYS B 224 -15.41 -16.87 2.77
C LYS B 224 -13.97 -17.33 2.79
N ASP B 225 -13.15 -16.81 1.88
CA ASP B 225 -11.73 -17.18 1.85
C ASP B 225 -11.01 -16.72 3.12
N VAL B 226 -11.28 -15.50 3.58
CA VAL B 226 -10.55 -15.03 4.76
C VAL B 226 -11.02 -15.71 6.05
N ASP B 227 -12.30 -16.04 6.22
CA ASP B 227 -12.67 -16.73 7.45
C ASP B 227 -12.51 -18.24 7.34
N ARG B 228 -12.14 -18.76 6.16
CA ARG B 228 -11.61 -20.11 6.09
C ARG B 228 -10.13 -20.14 6.45
N ILE B 229 -9.37 -19.13 5.98
CA ILE B 229 -7.96 -19.02 6.32
C ILE B 229 -7.80 -18.76 7.82
N PHE B 230 -8.68 -17.95 8.41
CA PHE B 230 -8.61 -17.67 9.84
C PHE B 230 -8.87 -18.92 10.67
N THR B 231 -9.79 -19.78 10.24
CA THR B 231 -9.97 -21.05 10.92
C THR B 231 -8.79 -21.98 10.68
N GLU B 232 -8.09 -21.81 9.55
CA GLU B 232 -6.93 -22.64 9.28
C GLU B 232 -5.68 -22.19 10.05
N ILE B 233 -5.65 -20.96 10.56
CA ILE B 233 -4.52 -20.49 11.36
C ILE B 233 -4.83 -20.50 12.85
N LYS B 234 -5.99 -21.05 13.24
CA LYS B 234 -6.37 -21.06 14.65
C LYS B 234 -5.44 -21.85 15.58
N PRO B 235 -4.96 -23.06 15.25
CA PRO B 235 -4.10 -23.76 16.24
C PRO B 235 -2.74 -23.11 16.44
N LEU B 236 -2.10 -22.64 15.36
CA LEU B 236 -0.80 -21.99 15.50
C LEU B 236 -0.91 -20.69 16.29
N TYR B 237 -1.92 -19.89 16.01
CA TYR B 237 -2.12 -18.66 16.77
C TYR B 237 -2.52 -18.95 18.20
N GLU B 238 -3.30 -20.00 18.44
CA GLU B 238 -3.66 -20.37 19.81
C GLU B 238 -2.45 -20.79 20.61
N HIS B 239 -1.54 -21.56 20.00
CA HIS B 239 -0.32 -21.96 20.70
C HIS B 239 0.61 -20.78 20.94
N LEU B 240 0.72 -19.88 19.96
CA LEU B 240 1.52 -18.67 20.15
C LEU B 240 0.94 -17.78 21.24
N HIS B 241 -0.39 -17.65 21.27
CA HIS B 241 -1.06 -16.86 22.30
C HIS B 241 -0.87 -17.48 23.68
N ALA B 242 -0.94 -18.81 23.78
CA ALA B 242 -0.71 -19.48 25.05
C ALA B 242 0.73 -19.31 25.53
N TYR B 243 1.70 -19.40 24.61
CA TYR B 243 3.10 -19.20 25.00
C TYR B 243 3.36 -17.77 25.42
N VAL B 244 2.77 -16.79 24.72
CA VAL B 244 2.93 -15.39 25.10
C VAL B 244 2.29 -15.13 26.46
N ARG B 245 1.12 -15.71 26.70
CA ARG B 245 0.45 -15.58 27.99
C ARG B 245 1.27 -16.20 29.12
N THR B 246 1.92 -17.33 28.86
CA THR B 246 2.77 -17.96 29.86
C THR B 246 3.98 -17.09 30.18
N LYS B 247 4.62 -16.52 29.15
CA LYS B 247 5.77 -15.66 29.39
C LYS B 247 5.39 -14.29 29.88
N LEU B 248 4.12 -13.89 29.74
CA LEU B 248 3.62 -12.65 30.33
C LEU B 248 3.10 -12.85 31.75
N MET B 249 3.51 -13.93 32.41
CA MET B 249 3.24 -14.14 33.82
C MET B 249 4.51 -14.10 34.67
N ASP B 250 5.69 -14.23 34.05
CA ASP B 250 6.94 -13.95 34.77
C ASP B 250 7.01 -12.47 35.14
N THR B 251 6.76 -11.60 34.17
CA THR B 251 6.39 -10.22 34.44
C THR B 251 4.87 -10.13 34.54
N TYR B 252 4.40 -9.06 35.16
CA TYR B 252 2.99 -8.84 35.52
C TYR B 252 2.40 -9.99 36.31
N PRO B 253 2.87 -10.30 37.53
CA PRO B 253 2.20 -11.34 38.32
C PRO B 253 0.89 -10.82 38.89
N PHE B 254 -0.05 -11.75 39.09
CA PHE B 254 -1.39 -11.47 39.63
C PHE B 254 -2.16 -10.46 38.80
N HIS B 255 -1.89 -10.42 37.49
CA HIS B 255 -2.58 -9.52 36.58
C HIS B 255 -3.08 -10.20 35.31
N ILE B 256 -2.58 -11.38 34.97
CA ILE B 256 -2.98 -12.10 33.77
C ILE B 256 -3.45 -13.48 34.19
N SER B 257 -4.67 -13.83 33.79
CA SER B 257 -5.20 -15.15 34.12
C SER B 257 -4.47 -16.21 33.30
N PRO B 258 -4.14 -17.36 33.91
CA PRO B 258 -3.51 -18.45 33.14
C PRO B 258 -4.40 -19.05 32.08
N THR B 259 -5.72 -18.94 32.22
CA THR B 259 -6.65 -19.48 31.23
C THR B 259 -7.46 -18.42 30.51
N GLY B 260 -7.37 -17.15 30.93
CA GLY B 260 -8.14 -16.09 30.34
C GLY B 260 -7.48 -15.47 29.12
N CYS B 261 -8.10 -14.39 28.64
CA CYS B 261 -7.57 -13.66 27.51
C CYS B 261 -6.46 -12.71 27.97
N LEU B 262 -5.72 -12.19 26.99
CA LEU B 262 -4.66 -11.24 27.33
C LEU B 262 -5.24 -9.84 27.47
N PRO B 263 -4.77 -9.06 28.45
CA PRO B 263 -5.17 -7.65 28.53
C PRO B 263 -4.70 -6.87 27.31
N ALA B 264 -5.49 -5.88 26.91
CA ALA B 264 -5.25 -5.19 25.65
C ALA B 264 -4.06 -4.25 25.69
N HIS B 265 -3.64 -3.83 26.88
CA HIS B 265 -2.58 -2.83 27.02
C HIS B 265 -1.22 -3.46 27.28
N LEU B 266 -1.09 -4.77 27.19
CA LEU B 266 0.17 -5.48 27.43
C LEU B 266 0.62 -6.24 26.18
N LEU B 267 0.40 -5.66 25.00
CA LEU B 267 0.63 -6.37 23.75
C LEU B 267 1.69 -5.70 22.87
N GLY B 268 2.46 -4.77 23.41
CA GLY B 268 3.58 -4.20 22.72
C GLY B 268 3.30 -2.89 22.00
N ASP B 269 2.04 -2.57 21.75
CA ASP B 269 1.70 -1.26 21.19
C ASP B 269 0.30 -0.89 21.68
N MET B 270 -0.28 0.16 21.07
CA MET B 270 -1.51 0.75 21.57
C MET B 270 -2.72 -0.13 21.28
N TRP B 271 -2.77 -0.77 20.12
CA TRP B 271 -3.94 -1.53 19.71
C TRP B 271 -3.73 -3.03 19.72
N GLY B 272 -2.53 -3.51 20.07
CA GLY B 272 -2.27 -4.92 19.97
C GLY B 272 -2.11 -5.42 18.55
N ARG B 273 -1.74 -4.55 17.62
CA ARG B 273 -1.60 -4.95 16.23
C ARG B 273 -0.43 -5.90 16.03
N PHE B 274 0.78 -5.44 16.36
CA PHE B 274 1.98 -6.25 16.27
C PHE B 274 2.43 -6.62 17.68
N TRP B 275 2.76 -7.88 17.89
CA TRP B 275 3.29 -8.37 19.15
C TRP B 275 4.81 -8.35 19.21
N THR B 276 5.46 -7.70 18.23
CA THR B 276 6.92 -7.79 18.10
C THR B 276 7.65 -7.03 19.18
N ASN B 277 6.98 -6.14 19.91
CA ASN B 277 7.62 -5.48 21.05
C ASN B 277 7.57 -6.31 22.32
N LEU B 278 6.89 -7.45 22.29
CA LEU B 278 6.90 -8.40 23.40
C LEU B 278 8.03 -9.41 23.30
N TYR B 279 8.89 -9.28 22.30
CA TYR B 279 10.01 -10.21 22.14
C TYR B 279 11.00 -10.22 23.31
N PRO B 280 11.44 -9.08 23.89
CA PRO B 280 12.30 -9.19 25.09
C PRO B 280 11.63 -9.88 26.27
N LEU B 281 10.31 -9.75 26.42
CA LEU B 281 9.63 -10.41 27.53
C LEU B 281 9.44 -11.90 27.28
N THR B 282 9.18 -12.29 26.03
CA THR B 282 8.88 -13.67 25.67
C THR B 282 9.99 -14.30 24.82
N VAL B 283 11.24 -13.94 25.09
CA VAL B 283 12.37 -14.47 24.31
C VAL B 283 12.64 -15.92 24.74
N PRO B 284 12.77 -16.83 23.79
CA PRO B 284 13.28 -18.17 24.11
C PRO B 284 14.79 -18.21 23.96
N PHE B 285 15.45 -18.83 24.93
CA PHE B 285 16.91 -18.98 25.00
C PHE B 285 17.60 -17.62 24.90
N GLY B 286 17.36 -16.81 25.93
CA GLY B 286 17.88 -15.45 25.95
C GLY B 286 19.39 -15.36 26.00
N GLN B 287 20.07 -16.44 26.37
CA GLN B 287 21.53 -16.48 26.33
C GLN B 287 22.04 -16.43 24.89
N LYS B 288 21.34 -17.05 23.96
CA LYS B 288 21.77 -17.06 22.56
C LYS B 288 21.47 -15.70 21.93
N PRO B 289 22.46 -15.01 21.39
CA PRO B 289 22.20 -13.72 20.74
C PRO B 289 21.53 -13.89 19.40
N ASN B 290 20.68 -12.92 19.06
CA ASN B 290 19.98 -12.93 17.79
C ASN B 290 20.87 -12.31 16.71
N ILE B 291 20.37 -12.31 15.48
CA ILE B 291 21.13 -11.79 14.34
C ILE B 291 21.08 -10.27 14.37
N ASP B 292 22.27 -9.65 14.34
CA ASP B 292 22.36 -8.19 14.27
C ASP B 292 23.70 -7.88 13.58
N VAL B 293 23.64 -7.58 12.28
CA VAL B 293 24.83 -7.32 11.49
C VAL B 293 25.15 -5.82 11.43
N THR B 294 24.54 -5.01 12.29
CA THR B 294 24.73 -3.56 12.24
C THR B 294 26.17 -3.17 12.58
N ASP B 295 26.77 -3.83 13.58
CA ASP B 295 28.12 -3.50 13.99
C ASP B 295 29.13 -3.84 12.91
N ALA B 296 28.97 -4.99 12.24
CA ALA B 296 29.85 -5.32 11.12
C ALA B 296 29.53 -4.48 9.90
N MET B 297 28.31 -3.96 9.81
CA MET B 297 27.97 -3.04 8.73
C MET B 297 28.70 -1.71 8.88
N VAL B 298 28.74 -1.19 10.12
CA VAL B 298 29.48 0.05 10.37
C VAL B 298 30.98 -0.19 10.28
N ASN B 299 31.45 -1.34 10.78
CA ASN B 299 32.89 -1.60 10.86
C ASN B 299 33.53 -1.83 9.50
N GLN B 300 32.74 -2.14 8.47
CA GLN B 300 33.26 -2.36 7.13
C GLN B 300 33.13 -1.14 6.23
N GLY B 301 32.76 0.01 6.80
CA GLY B 301 32.63 1.23 6.03
C GLY B 301 31.50 1.25 5.03
N TRP B 302 30.35 0.69 5.40
CA TRP B 302 29.19 0.71 4.52
C TRP B 302 28.48 2.05 4.61
N ASP B 303 27.76 2.40 3.53
CA ASP B 303 26.95 3.60 3.49
C ASP B 303 25.65 3.23 2.76
N ALA B 304 24.86 4.25 2.44
CA ALA B 304 23.59 4.04 1.73
C ALA B 304 23.82 3.52 0.33
N ASN B 305 24.84 4.05 -0.35
CA ASN B 305 25.15 3.61 -1.71
C ASN B 305 25.55 2.15 -1.74
N ARG B 306 26.32 1.69 -0.75
CA ARG B 306 26.70 0.29 -0.67
C ARG B 306 25.48 -0.60 -0.41
N ILE B 307 24.56 -0.14 0.45
CA ILE B 307 23.35 -0.90 0.75
C ILE B 307 22.51 -1.08 -0.49
N PHE B 308 22.29 0.00 -1.24
CA PHE B 308 21.42 -0.09 -2.40
C PHE B 308 22.12 -0.80 -3.57
N LYS B 309 23.45 -0.69 -3.67
CA LYS B 309 24.17 -1.46 -4.67
C LYS B 309 24.14 -2.95 -4.36
N GLU B 310 24.19 -3.32 -3.07
CA GLU B 310 24.09 -4.73 -2.72
C GLU B 310 22.68 -5.25 -2.95
N ALA B 311 21.66 -4.42 -2.71
CA ALA B 311 20.29 -4.82 -3.03
C ALA B 311 20.11 -5.01 -4.54
N GLU B 312 20.68 -4.11 -5.34
CA GLU B 312 20.64 -4.26 -6.79
C GLU B 312 21.41 -5.50 -7.24
N LYS B 313 22.51 -5.82 -6.56
CA LYS B 313 23.25 -7.04 -6.85
C LYS B 313 22.43 -8.28 -6.53
N PHE B 314 21.65 -8.24 -5.44
CA PHE B 314 20.75 -9.34 -5.12
C PHE B 314 19.68 -9.50 -6.18
N PHE B 315 19.12 -8.39 -6.66
CA PHE B 315 18.03 -8.47 -7.64
C PHE B 315 18.55 -8.86 -9.03
N VAL B 316 19.79 -8.50 -9.36
CA VAL B 316 20.38 -8.94 -10.62
C VAL B 316 20.64 -10.44 -10.60
N SER B 317 21.03 -10.98 -9.44
CA SER B 317 21.45 -12.37 -9.33
C SER B 317 20.31 -13.34 -9.63
N VAL B 318 19.05 -12.94 -9.40
CA VAL B 318 17.93 -13.78 -9.77
C VAL B 318 17.51 -13.59 -11.22
N GLY B 319 17.99 -12.54 -11.88
CA GLY B 319 17.66 -12.28 -13.28
C GLY B 319 16.88 -11.01 -13.51
N LEU B 320 16.40 -10.36 -12.46
CA LEU B 320 15.71 -9.10 -12.61
C LEU B 320 16.69 -8.00 -13.05
N PRO B 321 16.23 -6.99 -13.80
CA PRO B 321 17.17 -6.04 -14.40
C PRO B 321 17.86 -5.10 -13.41
N ASN B 322 18.74 -4.25 -13.95
CA ASN B 322 19.41 -3.22 -13.18
C ASN B 322 18.45 -2.07 -12.89
N MET B 323 19.01 -1.00 -12.34
CA MET B 323 18.26 0.24 -12.15
C MET B 323 18.46 1.16 -13.35
N THR B 324 17.51 2.09 -13.50
CA THR B 324 17.36 2.85 -14.74
C THR B 324 18.36 3.99 -14.89
N GLU B 325 19.28 4.16 -13.93
CA GLU B 325 20.36 5.16 -13.89
C GLU B 325 19.80 6.56 -13.63
N GLY B 326 18.48 6.70 -13.63
CA GLY B 326 17.82 7.89 -13.11
C GLY B 326 17.37 7.59 -11.70
N PHE B 327 17.37 6.31 -11.35
CA PHE B 327 17.17 5.91 -9.96
C PHE B 327 18.34 6.38 -9.09
N TRP B 328 19.57 6.26 -9.60
CA TRP B 328 20.73 6.64 -8.82
C TRP B 328 20.91 8.15 -8.74
N ASN B 329 20.37 8.89 -9.71
CA ASN B 329 20.55 10.33 -9.75
C ASN B 329 19.39 11.08 -9.11
N ASN B 330 18.16 10.82 -9.56
CA ASN B 330 17.02 11.61 -9.12
C ASN B 330 16.61 11.26 -7.70
N SER B 331 16.57 9.98 -7.37
CA SER B 331 16.12 9.54 -6.05
C SER B 331 17.20 9.82 -5.00
N MET B 332 16.80 10.41 -3.89
CA MET B 332 17.73 10.58 -2.78
C MET B 332 17.77 9.30 -1.95
N LEU B 333 18.96 9.01 -1.43
CA LEU B 333 19.15 7.81 -0.64
C LEU B 333 19.74 8.09 0.73
N THR B 334 19.92 9.35 1.11
CA THR B 334 20.46 9.74 2.41
C THR B 334 19.61 10.87 2.98
N GLU B 335 19.93 11.27 4.21
CA GLU B 335 19.40 12.51 4.73
C GLU B 335 20.05 13.69 3.99
N PRO B 336 19.26 14.68 3.58
CA PRO B 336 19.82 15.82 2.83
C PRO B 336 20.73 16.67 3.73
N GLY B 337 21.98 16.83 3.29
CA GLY B 337 22.92 17.65 4.06
C GLY B 337 22.54 19.11 4.06
N ASP B 338 22.12 19.63 2.91
CA ASP B 338 21.55 20.97 2.86
C ASP B 338 20.19 20.99 3.55
N GLY B 339 19.81 22.17 4.03
CA GLY B 339 18.57 22.28 4.79
C GLY B 339 17.32 22.13 3.96
N ARG B 340 16.68 20.98 4.07
CA ARG B 340 15.42 20.69 3.40
C ARG B 340 14.58 19.82 4.32
N LYS B 341 13.38 20.28 4.65
CA LYS B 341 12.50 19.50 5.52
C LYS B 341 11.94 18.31 4.76
N VAL B 342 12.14 17.11 5.31
CA VAL B 342 11.64 15.87 4.72
C VAL B 342 10.95 15.06 5.81
N VAL B 343 9.82 14.46 5.48
CA VAL B 343 9.28 13.36 6.28
C VAL B 343 10.01 12.08 5.87
N CYS B 344 10.57 11.38 6.85
CA CYS B 344 11.47 10.26 6.59
C CYS B 344 10.71 8.95 6.79
N HIS B 345 9.88 8.61 5.80
CA HIS B 345 9.20 7.33 5.77
C HIS B 345 9.61 6.60 4.50
N PRO B 346 10.27 5.43 4.61
CA PRO B 346 10.58 4.61 3.44
C PRO B 346 9.43 4.34 2.48
N THR B 347 9.60 4.75 1.23
CA THR B 347 8.59 4.50 0.21
C THR B 347 9.27 4.42 -1.15
N ALA B 348 8.60 3.76 -2.08
CA ALA B 348 9.09 3.59 -3.44
C ALA B 348 8.15 4.31 -4.40
N TRP B 349 8.73 5.10 -5.30
CA TRP B 349 7.96 5.99 -6.17
C TRP B 349 7.97 5.46 -7.59
N ASP B 350 6.80 5.36 -8.19
CA ASP B 350 6.63 5.09 -9.61
C ASP B 350 6.01 6.34 -10.22
N LEU B 351 6.88 7.27 -10.64
CA LEU B 351 6.40 8.57 -11.12
C LEU B 351 5.74 8.48 -12.48
N GLY B 352 5.96 7.40 -13.22
CA GLY B 352 5.48 7.30 -14.58
C GLY B 352 6.49 7.82 -15.58
N LYS B 353 6.19 7.55 -16.85
CA LYS B 353 7.05 7.89 -17.99
C LYS B 353 8.46 7.32 -17.85
N GLY B 354 8.57 6.13 -17.27
CA GLY B 354 9.85 5.47 -17.13
C GLY B 354 10.72 5.95 -16.00
N ASP B 355 10.15 6.65 -15.02
CA ASP B 355 10.91 7.21 -13.90
C ASP B 355 10.55 6.46 -12.62
N PHE B 356 11.57 5.89 -11.98
CA PHE B 356 11.40 5.14 -10.74
C PHE B 356 12.36 5.70 -9.70
N ARG B 357 11.84 5.96 -8.50
CA ARG B 357 12.63 6.59 -7.44
C ARG B 357 12.29 5.96 -6.11
N ILE B 358 13.22 6.07 -5.16
CA ILE B 358 13.02 5.68 -3.77
C ILE B 358 13.33 6.89 -2.89
N LYS B 359 12.41 7.22 -2.00
CA LYS B 359 12.57 8.29 -1.03
C LYS B 359 12.63 7.64 0.35
N MET B 360 13.83 7.52 0.91
CA MET B 360 13.96 7.00 2.27
C MET B 360 15.25 7.52 2.90
N CYS B 361 15.17 7.81 4.19
CA CYS B 361 16.32 8.32 4.95
C CYS B 361 17.01 7.16 5.66
N THR B 362 17.67 6.33 4.85
CA THR B 362 18.25 5.10 5.37
C THR B 362 19.53 5.37 6.16
N LYS B 363 19.82 4.46 7.07
CA LYS B 363 21.04 4.49 7.87
C LYS B 363 21.81 3.19 7.64
N VAL B 364 22.93 3.05 8.34
CA VAL B 364 23.72 1.82 8.26
C VAL B 364 23.17 0.92 9.37
N THR B 365 22.12 0.18 9.04
CA THR B 365 21.40 -0.65 10.00
C THR B 365 20.85 -1.86 9.26
N MET B 366 20.72 -2.99 9.96
CA MET B 366 20.18 -4.20 9.36
C MET B 366 18.73 -4.04 8.95
N GLU B 367 17.91 -3.38 9.78
CA GLU B 367 16.52 -3.15 9.42
C GLU B 367 16.41 -2.17 8.24
N ASP B 368 17.35 -1.22 8.15
CA ASP B 368 17.40 -0.37 6.96
C ASP B 368 17.83 -1.14 5.73
N PHE B 369 18.70 -2.14 5.90
CA PHE B 369 19.09 -3.01 4.79
C PHE B 369 17.89 -3.80 4.27
N LEU B 370 17.11 -4.38 5.18
CA LEU B 370 15.90 -5.11 4.78
C LEU B 370 14.84 -4.19 4.20
N THR B 371 14.72 -2.96 4.72
CA THR B 371 13.76 -2.01 4.18
C THR B 371 14.18 -1.54 2.79
N ALA B 372 15.49 -1.41 2.55
CA ALA B 372 15.98 -1.10 1.21
C ALA B 372 15.65 -2.22 0.23
N HIS B 373 15.80 -3.47 0.67
CA HIS B 373 15.39 -4.60 -0.16
C HIS B 373 13.88 -4.58 -0.43
N HIS B 374 13.10 -4.21 0.58
CA HIS B 374 11.64 -4.11 0.45
C HIS B 374 11.25 -3.06 -0.59
N GLU B 375 11.81 -1.86 -0.48
CA GLU B 375 11.46 -0.79 -1.41
C GLU B 375 11.99 -1.05 -2.81
N MET B 376 13.16 -1.69 -2.93
CA MET B 376 13.64 -2.01 -4.26
C MET B 376 12.85 -3.17 -4.87
N GLY B 377 12.27 -4.04 -4.05
CA GLY B 377 11.31 -5.01 -4.55
C GLY B 377 10.05 -4.33 -5.09
N HIS B 378 9.60 -3.28 -4.40
CA HIS B 378 8.48 -2.49 -4.93
C HIS B 378 8.84 -1.83 -6.26
N ILE B 379 10.06 -1.31 -6.36
CA ILE B 379 10.50 -0.68 -7.62
C ILE B 379 10.56 -1.71 -8.74
N GLN B 380 11.15 -2.88 -8.46
CA GLN B 380 11.25 -3.92 -9.48
C GLN B 380 9.90 -4.47 -9.88
N TYR B 381 8.91 -4.41 -8.98
CA TYR B 381 7.56 -4.77 -9.38
C TYR B 381 6.92 -3.67 -10.21
N ASP B 382 7.27 -2.41 -9.93
CA ASP B 382 6.77 -1.28 -10.71
C ASP B 382 7.42 -1.23 -12.09
N MET B 383 8.71 -1.56 -12.20
CA MET B 383 9.40 -1.55 -13.48
C MET B 383 8.85 -2.57 -14.47
N ALA B 384 8.25 -3.64 -13.98
CA ALA B 384 7.86 -4.74 -14.85
C ALA B 384 6.63 -4.42 -15.69
N TYR B 385 5.62 -3.77 -15.11
CA TYR B 385 4.40 -3.47 -15.83
C TYR B 385 4.39 -2.08 -16.46
N ALA B 386 5.56 -1.52 -16.74
CA ALA B 386 5.61 -0.21 -17.39
C ALA B 386 5.14 -0.26 -18.84
N THR B 387 5.16 -1.45 -19.47
CA THR B 387 4.68 -1.60 -20.83
C THR B 387 3.17 -1.72 -20.92
N GLN B 388 2.48 -1.91 -19.80
CA GLN B 388 1.04 -1.97 -19.78
C GLN B 388 0.43 -0.58 -19.96
N PRO B 389 -0.85 -0.50 -20.36
CA PRO B 389 -1.53 0.79 -20.33
C PRO B 389 -1.65 1.33 -18.91
N TYR B 390 -1.85 2.65 -18.82
CA TYR B 390 -1.72 3.36 -17.55
C TYR B 390 -2.74 2.90 -16.51
N LEU B 391 -3.95 2.54 -16.94
CA LEU B 391 -4.95 2.08 -15.99
C LEU B 391 -4.64 0.70 -15.42
N LEU B 392 -3.81 -0.07 -16.11
CA LEU B 392 -3.42 -1.41 -15.67
C LEU B 392 -2.02 -1.44 -15.07
N ARG B 393 -1.44 -0.28 -14.77
CA ARG B 393 -0.11 -0.20 -14.16
C ARG B 393 -0.25 -0.18 -12.64
N ASN B 394 -0.63 -1.32 -12.09
CA ASN B 394 -0.79 -1.50 -10.65
C ASN B 394 -0.70 -2.99 -10.35
N GLY B 395 -0.64 -3.30 -9.05
CA GLY B 395 -0.68 -4.68 -8.64
C GLY B 395 -2.02 -5.32 -8.97
N ALA B 396 -1.98 -6.62 -9.29
CA ALA B 396 -3.17 -7.34 -9.74
C ALA B 396 -4.28 -7.34 -8.70
N ASN B 397 -3.91 -7.27 -7.43
CA ASN B 397 -4.83 -6.93 -6.35
C ASN B 397 -4.04 -6.13 -5.33
N GLU B 398 -4.70 -5.71 -4.25
CA GLU B 398 -4.03 -4.89 -3.26
C GLU B 398 -3.09 -5.67 -2.35
N GLY B 399 -2.90 -6.97 -2.59
CA GLY B 399 -2.02 -7.77 -1.78
C GLY B 399 -0.69 -8.11 -2.43
N PHE B 400 -0.68 -8.29 -3.76
CA PHE B 400 0.53 -8.75 -4.46
C PHE B 400 1.68 -7.77 -4.36
N HIS B 401 1.38 -6.46 -4.37
CA HIS B 401 2.43 -5.45 -4.41
C HIS B 401 3.26 -5.49 -3.13
N GLU B 402 2.59 -5.41 -1.98
CA GLU B 402 3.30 -5.50 -0.71
C GLU B 402 3.78 -6.92 -0.42
N ALA B 403 3.11 -7.93 -0.98
CA ALA B 403 3.57 -9.31 -0.80
C ALA B 403 4.91 -9.54 -1.49
N VAL B 404 5.05 -9.01 -2.71
CA VAL B 404 6.34 -9.06 -3.41
C VAL B 404 7.39 -8.28 -2.64
N GLY B 405 7.00 -7.10 -2.12
CA GLY B 405 7.93 -6.32 -1.32
C GLY B 405 8.47 -7.05 -0.11
N GLU B 406 7.58 -7.73 0.64
CA GLU B 406 8.06 -8.47 1.82
C GLU B 406 8.75 -9.78 1.47
N VAL B 407 8.33 -10.46 0.39
CA VAL B 407 8.96 -11.74 0.07
C VAL B 407 10.35 -11.54 -0.54
N MET B 408 10.63 -10.37 -1.11
CA MET B 408 11.99 -10.09 -1.57
C MET B 408 12.95 -9.85 -0.41
N SER B 409 12.46 -9.49 0.76
CA SER B 409 13.31 -9.28 1.93
C SER B 409 13.42 -10.50 2.83
N LEU B 410 12.67 -11.56 2.55
CA LEU B 410 12.74 -12.77 3.37
C LEU B 410 14.02 -13.56 3.11
N SER B 411 14.45 -13.61 1.85
CA SER B 411 15.61 -14.42 1.49
C SER B 411 16.92 -13.81 1.97
N VAL B 412 16.98 -12.47 2.06
CA VAL B 412 18.20 -11.79 2.46
C VAL B 412 18.34 -11.66 3.97
N ALA B 413 17.27 -11.84 4.73
CA ALA B 413 17.37 -11.84 6.18
C ALA B 413 17.90 -13.15 6.74
N THR B 414 17.94 -14.21 5.94
CA THR B 414 18.46 -15.48 6.40
C THR B 414 19.98 -15.38 6.58
N PRO B 415 20.54 -16.10 7.57
CA PRO B 415 21.99 -16.01 7.86
C PRO B 415 22.85 -16.89 6.96
N LYS B 416 22.54 -16.91 5.67
CA LYS B 416 23.37 -17.57 4.67
C LYS B 416 23.63 -16.58 3.55
N HIS B 417 22.66 -15.71 3.31
CA HIS B 417 22.89 -14.54 2.47
C HIS B 417 23.74 -13.50 3.19
N LEU B 418 23.54 -13.35 4.50
CA LEU B 418 24.36 -12.43 5.29
C LEU B 418 25.79 -12.92 5.41
N LYS B 419 25.99 -14.23 5.55
CA LYS B 419 27.35 -14.76 5.67
C LYS B 419 28.08 -14.72 4.34
N THR B 420 27.35 -14.75 3.22
CA THR B 420 27.97 -14.64 1.91
C THR B 420 28.53 -13.24 1.68
N MET B 421 27.81 -12.20 2.11
CA MET B 421 28.26 -10.83 1.91
C MET B 421 29.42 -10.45 2.83
N GLY B 422 29.67 -11.23 3.88
CA GLY B 422 30.76 -10.96 4.79
C GLY B 422 30.39 -10.22 6.05
N LEU B 423 29.13 -9.84 6.22
CA LEU B 423 28.71 -9.19 7.47
C LEU B 423 28.74 -10.18 8.63
N LEU B 424 28.16 -11.36 8.44
CA LEU B 424 28.16 -12.38 9.48
C LEU B 424 29.48 -13.12 9.48
N SER B 425 30.05 -13.30 10.67
CA SER B 425 31.28 -14.07 10.79
C SER B 425 31.00 -15.54 10.49
N PRO B 426 31.94 -16.25 9.86
CA PRO B 426 31.72 -17.68 9.58
C PRO B 426 31.70 -18.55 10.83
N ASP B 427 32.16 -18.04 11.97
CA ASP B 427 32.15 -18.79 13.22
C ASP B 427 30.85 -18.63 14.00
N PHE B 428 29.86 -17.95 13.43
CA PHE B 428 28.56 -17.83 14.09
C PHE B 428 27.87 -19.19 14.14
N LEU B 429 27.27 -19.50 15.29
CA LEU B 429 26.67 -20.81 15.52
C LEU B 429 25.22 -20.80 15.02
N GLU B 430 24.94 -21.64 14.03
CA GLU B 430 23.59 -21.78 13.48
C GLU B 430 22.92 -23.02 14.06
N ASP B 431 22.70 -22.98 15.38
CA ASP B 431 22.08 -24.10 16.05
C ASP B 431 20.56 -24.06 15.86
N ASN B 432 19.87 -25.01 16.48
CA ASN B 432 18.42 -25.09 16.35
C ASN B 432 17.69 -24.18 17.33
N GLU B 433 18.41 -23.46 18.18
CA GLU B 433 17.79 -22.49 19.08
C GLU B 433 17.65 -21.12 18.43
N THR B 434 18.64 -20.72 17.63
CA THR B 434 18.55 -19.46 16.90
C THR B 434 17.42 -19.50 15.86
N GLU B 435 17.17 -20.68 15.30
CA GLU B 435 16.02 -20.85 14.40
C GLU B 435 14.71 -20.61 15.13
N ILE B 436 14.61 -21.11 16.37
CA ILE B 436 13.41 -20.90 17.17
C ILE B 436 13.25 -19.43 17.53
N ASN B 437 14.36 -18.75 17.85
CA ASN B 437 14.33 -17.32 18.13
C ASN B 437 13.84 -16.53 16.93
N PHE B 438 14.39 -16.82 15.75
CA PHE B 438 14.00 -16.12 14.53
C PHE B 438 12.54 -16.40 14.19
N LEU B 439 12.10 -17.65 14.34
CA LEU B 439 10.73 -17.99 14.00
C LEU B 439 9.73 -17.38 14.97
N LEU B 440 10.10 -17.28 16.25
CA LEU B 440 9.21 -16.64 17.21
C LEU B 440 9.13 -15.14 16.99
N LYS B 441 10.25 -14.50 16.64
CA LYS B 441 10.20 -13.09 16.30
C LYS B 441 9.35 -12.85 15.06
N GLN B 442 9.46 -13.72 14.06
CA GLN B 442 8.63 -13.63 12.87
C GLN B 442 7.15 -13.81 13.20
N ALA B 443 6.82 -14.80 14.03
CA ALA B 443 5.43 -15.06 14.39
C ALA B 443 4.85 -13.94 15.23
N LEU B 444 5.66 -13.31 16.07
CA LEU B 444 5.21 -12.10 16.76
C LEU B 444 4.94 -10.99 15.76
N ASN B 445 5.76 -10.89 14.72
CA ASN B 445 5.52 -9.89 13.69
C ASN B 445 4.36 -10.29 12.78
N ILE B 446 4.29 -11.56 12.40
CA ILE B 446 3.43 -12.00 11.29
C ILE B 446 2.18 -12.73 11.79
N VAL B 447 2.34 -13.74 12.63
CA VAL B 447 1.18 -14.54 13.05
C VAL B 447 0.31 -13.75 14.02
N GLY B 448 0.92 -12.94 14.88
CA GLY B 448 0.18 -12.21 15.89
C GLY B 448 -0.64 -11.06 15.36
N THR B 449 -0.47 -10.68 14.10
CA THR B 449 -1.22 -9.58 13.50
C THR B 449 -2.34 -10.04 12.58
N LEU B 450 -2.44 -11.34 12.31
CA LEU B 450 -3.47 -11.84 11.40
C LEU B 450 -4.87 -11.90 12.04
N PRO B 451 -5.05 -12.43 13.27
CA PRO B 451 -6.40 -12.32 13.88
C PRO B 451 -6.84 -10.89 14.13
N PHE B 452 -5.91 -10.00 14.46
CA PHE B 452 -6.25 -8.59 14.65
C PHE B 452 -6.76 -7.98 13.36
N THR B 453 -6.06 -8.24 12.25
CA THR B 453 -6.45 -7.70 10.96
C THR B 453 -7.79 -8.26 10.50
N TYR B 454 -7.97 -9.57 10.62
CA TYR B 454 -9.23 -10.20 10.23
C TYR B 454 -10.38 -9.70 11.08
N MET B 455 -10.18 -9.56 12.39
CA MET B 455 -11.24 -9.12 13.29
C MET B 455 -11.61 -7.67 13.02
N LEU B 456 -10.61 -6.81 12.78
CA LEU B 456 -10.90 -5.40 12.52
C LEU B 456 -11.65 -5.22 11.20
N GLU B 457 -11.22 -5.95 10.15
CA GLU B 457 -11.93 -5.83 8.88
C GLU B 457 -13.31 -6.46 8.93
N LYS B 458 -13.47 -7.54 9.72
CA LYS B 458 -14.80 -8.12 9.89
C LYS B 458 -15.73 -7.16 10.63
N TRP B 459 -15.21 -6.47 11.66
CA TRP B 459 -16.01 -5.47 12.36
C TRP B 459 -16.40 -4.33 11.44
N ARG B 460 -15.46 -3.84 10.63
CA ARG B 460 -15.78 -2.75 9.71
C ARG B 460 -16.77 -3.19 8.64
N TRP B 461 -16.63 -4.42 8.14
CA TRP B 461 -17.56 -4.94 7.13
C TRP B 461 -18.96 -5.10 7.70
N MET B 462 -19.08 -5.57 8.94
CA MET B 462 -20.39 -5.72 9.55
C MET B 462 -20.99 -4.38 9.94
N VAL B 463 -20.16 -3.39 10.26
CA VAL B 463 -20.67 -2.05 10.55
C VAL B 463 -21.18 -1.38 9.28
N PHE B 464 -20.42 -1.47 8.18
CA PHE B 464 -20.87 -0.91 6.91
C PHE B 464 -22.08 -1.65 6.36
N ARG B 465 -22.15 -2.96 6.59
CA ARG B 465 -23.27 -3.74 6.08
C ARG B 465 -24.55 -3.47 6.86
N GLY B 466 -24.42 -3.09 8.13
CA GLY B 466 -25.57 -2.87 8.97
C GLY B 466 -25.89 -4.01 9.92
N GLU B 467 -25.06 -5.05 9.95
CA GLU B 467 -25.29 -6.15 10.88
C GLU B 467 -25.00 -5.76 12.32
N ILE B 468 -24.15 -4.75 12.53
CA ILE B 468 -23.88 -4.21 13.86
C ILE B 468 -24.62 -2.88 13.97
N PRO B 469 -25.64 -2.78 14.83
CA PRO B 469 -26.34 -1.51 15.00
C PRO B 469 -25.46 -0.47 15.68
N LYS B 470 -25.85 0.79 15.51
CA LYS B 470 -25.06 1.91 16.04
C LYS B 470 -24.99 1.91 17.56
N GLU B 471 -25.96 1.29 18.24
CA GLU B 471 -25.95 1.20 19.69
C GLU B 471 -25.25 -0.05 20.20
N GLU B 472 -24.64 -0.84 19.31
CA GLU B 472 -23.92 -2.05 19.69
C GLU B 472 -22.56 -2.11 19.01
N TRP B 473 -21.96 -0.96 18.72
CA TRP B 473 -20.64 -0.95 18.08
C TRP B 473 -19.56 -1.47 19.02
N MET B 474 -19.47 -0.89 20.22
CA MET B 474 -18.40 -1.25 21.14
C MET B 474 -18.63 -2.62 21.75
N LYS B 475 -19.89 -2.95 22.02
CA LYS B 475 -20.23 -4.26 22.58
C LYS B 475 -19.82 -5.37 21.63
N LYS B 476 -20.22 -5.27 20.36
CA LYS B 476 -19.84 -6.27 19.36
C LYS B 476 -18.34 -6.26 19.11
N TRP B 477 -17.73 -5.07 19.12
CA TRP B 477 -16.29 -4.94 18.87
C TRP B 477 -15.48 -5.70 19.93
N TRP B 478 -15.79 -5.48 21.20
CA TRP B 478 -15.05 -6.17 22.25
C TRP B 478 -15.47 -7.63 22.37
N GLU B 479 -16.71 -7.98 22.01
CA GLU B 479 -17.12 -9.37 22.01
C GLU B 479 -16.31 -10.19 20.99
N MET B 480 -16.19 -9.69 19.77
CA MET B 480 -15.42 -10.42 18.78
C MET B 480 -13.92 -10.18 18.89
N LYS B 481 -13.49 -9.18 19.67
CA LYS B 481 -12.08 -9.07 20.03
C LYS B 481 -11.70 -10.15 21.04
N ARG B 482 -12.56 -10.39 22.03
CA ARG B 482 -12.35 -11.51 22.95
C ARG B 482 -12.44 -12.85 22.21
N ASP B 483 -13.43 -12.98 21.32
CA ASP B 483 -13.70 -14.27 20.70
C ASP B 483 -12.63 -14.66 19.69
N LEU B 484 -12.23 -13.73 18.84
CA LEU B 484 -11.32 -14.04 17.74
C LEU B 484 -9.86 -13.79 18.11
N VAL B 485 -9.53 -12.56 18.48
CA VAL B 485 -8.14 -12.21 18.77
C VAL B 485 -7.68 -12.86 20.07
N GLY B 486 -8.58 -13.01 21.05
CA GLY B 486 -8.17 -13.51 22.35
C GLY B 486 -7.66 -12.43 23.26
N VAL B 487 -8.17 -11.21 23.12
CA VAL B 487 -7.69 -10.05 23.85
C VAL B 487 -8.88 -9.42 24.57
N VAL B 488 -8.71 -9.20 25.88
CA VAL B 488 -9.78 -8.66 26.72
C VAL B 488 -9.45 -7.22 27.06
N GLU B 489 -10.48 -6.38 27.11
CA GLU B 489 -10.29 -4.99 27.49
C GLU B 489 -9.99 -4.90 28.99
N PRO B 490 -9.11 -3.97 29.40
CA PRO B 490 -8.83 -3.82 30.83
C PRO B 490 -9.90 -3.05 31.59
N VAL B 491 -10.64 -2.16 30.93
CA VAL B 491 -11.74 -1.42 31.54
C VAL B 491 -12.93 -1.45 30.57
N PRO B 492 -14.17 -1.39 31.05
CA PRO B 492 -15.31 -1.46 30.12
C PRO B 492 -15.48 -0.18 29.33
N HIS B 493 -15.90 -0.33 28.08
CA HIS B 493 -16.15 0.79 27.18
C HIS B 493 -17.59 0.72 26.70
N ASP B 494 -18.36 1.77 26.99
CA ASP B 494 -19.74 1.87 26.53
C ASP B 494 -19.77 2.47 25.12
N GLU B 495 -20.97 2.84 24.66
CA GLU B 495 -21.13 3.32 23.28
C GLU B 495 -20.61 4.73 23.06
N THR B 496 -20.19 5.43 24.11
CA THR B 496 -19.55 6.73 23.92
C THR B 496 -18.15 6.61 23.37
N TYR B 497 -17.53 5.45 23.49
CA TYR B 497 -16.18 5.22 23.00
C TYR B 497 -16.19 4.84 21.52
N CYS B 498 -15.01 4.92 20.91
CA CYS B 498 -14.81 4.39 19.55
C CYS B 498 -13.35 3.91 19.48
N ASP B 499 -13.17 2.62 19.75
CA ASP B 499 -11.84 2.00 19.80
C ASP B 499 -11.23 1.67 18.44
N PRO B 500 -11.98 1.22 17.42
CA PRO B 500 -11.37 1.11 16.08
C PRO B 500 -10.84 2.43 15.53
N ALA B 501 -11.56 3.53 15.75
CA ALA B 501 -11.16 4.82 15.20
C ALA B 501 -9.87 5.36 15.81
N SER B 502 -9.43 4.80 16.93
CA SER B 502 -8.16 5.18 17.53
C SER B 502 -6.96 4.69 16.74
N LEU B 503 -7.14 3.83 15.74
CA LEU B 503 -6.08 3.36 14.88
C LEU B 503 -6.02 4.23 13.63
N PHE B 504 -4.83 4.32 13.03
CA PHE B 504 -4.59 5.20 11.89
C PHE B 504 -5.42 4.81 10.68
N HIS B 505 -5.48 3.51 10.37
CA HIS B 505 -6.13 3.07 9.14
C HIS B 505 -7.64 3.20 9.19
N VAL B 506 -8.23 3.34 10.38
CA VAL B 506 -9.67 3.48 10.50
C VAL B 506 -10.08 4.95 10.53
N ALA B 507 -9.29 5.79 11.17
CA ALA B 507 -9.57 7.22 11.20
C ALA B 507 -9.20 7.92 9.90
N ASN B 508 -8.37 7.31 9.06
CA ASN B 508 -7.94 7.92 7.80
C ASN B 508 -8.53 7.22 6.58
N ASP B 509 -9.53 6.36 6.77
CA ASP B 509 -10.33 5.74 5.70
C ASP B 509 -9.45 4.92 4.76
N TYR B 510 -8.84 3.89 5.32
CA TYR B 510 -7.95 3.00 4.60
C TYR B 510 -8.44 1.57 4.70
N SER B 511 -8.37 0.84 3.59
CA SER B 511 -8.63 -0.60 3.61
C SER B 511 -7.54 -1.30 4.40
N PHE B 512 -7.91 -2.41 5.05
CA PHE B 512 -7.03 -3.04 6.01
C PHE B 512 -6.86 -4.55 5.80
N ILE B 513 -7.68 -5.19 4.97
CA ILE B 513 -7.51 -6.60 4.66
C ILE B 513 -6.35 -6.86 3.71
N ARG B 514 -5.78 -5.79 3.14
CA ARG B 514 -4.64 -5.94 2.25
C ARG B 514 -3.42 -6.47 2.99
N TYR B 515 -3.33 -6.26 4.30
CA TYR B 515 -2.22 -6.82 5.07
C TYR B 515 -2.40 -8.33 5.28
N TYR B 516 -3.64 -8.76 5.52
CA TYR B 516 -3.96 -10.18 5.60
C TYR B 516 -3.62 -10.89 4.30
N THR B 517 -4.11 -10.37 3.18
CA THR B 517 -3.80 -10.98 1.89
C THR B 517 -2.33 -10.82 1.53
N ARG B 518 -1.68 -9.76 2.02
CA ARG B 518 -0.24 -9.58 1.84
C ARG B 518 0.52 -10.73 2.48
N THR B 519 0.18 -11.07 3.73
CA THR B 519 0.86 -12.15 4.41
C THR B 519 0.63 -13.48 3.72
N ILE B 520 -0.62 -13.75 3.32
CA ILE B 520 -0.94 -15.02 2.66
C ILE B 520 -0.17 -15.16 1.35
N PHE B 521 -0.24 -14.13 0.50
CA PHE B 521 0.42 -14.19 -0.80
C PHE B 521 1.93 -14.16 -0.67
N GLU B 522 2.47 -13.47 0.35
CA GLU B 522 3.91 -13.43 0.56
C GLU B 522 4.45 -14.81 0.88
N PHE B 523 3.77 -15.54 1.77
CA PHE B 523 4.29 -16.87 2.10
C PHE B 523 4.01 -17.87 0.98
N GLN B 524 2.93 -17.69 0.22
CA GLN B 524 2.69 -18.54 -0.95
C GLN B 524 3.77 -18.34 -2.00
N PHE B 525 4.14 -17.07 -2.27
CA PHE B 525 5.21 -16.78 -3.21
C PHE B 525 6.55 -17.30 -2.72
N HIS B 526 6.79 -17.21 -1.41
CA HIS B 526 8.03 -17.73 -0.84
C HIS B 526 8.14 -19.23 -1.05
N GLU B 527 7.06 -19.96 -0.78
CA GLU B 527 7.08 -21.41 -0.99
C GLU B 527 7.28 -21.76 -2.46
N ALA B 528 6.61 -21.04 -3.37
CA ALA B 528 6.74 -21.33 -4.79
C ALA B 528 8.16 -21.06 -5.30
N LEU B 529 8.72 -19.90 -4.92
CA LEU B 529 10.04 -19.53 -5.40
C LEU B 529 11.14 -20.38 -4.76
N CYS B 530 10.93 -20.86 -3.54
CA CYS B 530 11.90 -21.75 -2.93
C CYS B 530 11.82 -23.15 -3.49
N ARG B 531 10.62 -23.60 -3.87
CA ARG B 531 10.49 -24.88 -4.57
C ARG B 531 11.13 -24.81 -5.96
N ILE B 532 10.99 -23.67 -6.63
CA ILE B 532 11.56 -23.52 -7.97
C ILE B 532 13.08 -23.46 -7.90
N ALA B 533 13.62 -22.76 -6.90
CA ALA B 533 15.07 -22.58 -6.75
C ALA B 533 15.78 -23.80 -6.16
N GLN B 534 15.09 -24.94 -6.06
CA GLN B 534 15.66 -26.22 -5.61
C GLN B 534 16.23 -26.13 -4.20
N HIS B 535 15.52 -25.42 -3.32
CA HIS B 535 15.90 -25.39 -1.91
C HIS B 535 15.66 -26.75 -1.27
N ASP B 536 16.56 -27.13 -0.37
CA ASP B 536 16.53 -28.46 0.24
C ASP B 536 15.97 -28.47 1.66
N GLY B 537 16.47 -27.61 2.53
CA GLY B 537 16.12 -27.64 3.93
C GLY B 537 14.78 -27.03 4.23
N PRO B 538 14.65 -26.46 5.43
CA PRO B 538 13.38 -25.84 5.83
C PRO B 538 13.12 -24.55 5.06
N LEU B 539 11.85 -24.13 5.09
CA LEU B 539 11.43 -22.98 4.30
C LEU B 539 11.98 -21.67 4.85
N HIS B 540 12.18 -21.57 6.17
CA HIS B 540 12.65 -20.33 6.76
C HIS B 540 14.13 -20.09 6.50
N LYS B 541 14.88 -21.11 6.11
CA LYS B 541 16.31 -21.00 5.81
C LYS B 541 16.57 -20.94 4.31
N CYS B 542 15.66 -20.36 3.54
CA CYS B 542 15.71 -20.40 2.09
C CYS B 542 16.20 -19.08 1.52
N ASP B 543 17.10 -19.17 0.54
CA ASP B 543 17.61 -18.01 -0.18
C ASP B 543 17.38 -18.24 -1.67
N ILE B 544 16.68 -17.30 -2.31
CA ILE B 544 16.35 -17.43 -3.72
C ILE B 544 17.39 -16.70 -4.57
N SER B 545 18.47 -16.26 -3.93
CA SER B 545 19.57 -15.62 -4.65
C SER B 545 20.27 -16.62 -5.55
N ASN B 546 20.87 -16.11 -6.62
CA ASN B 546 21.60 -16.89 -7.62
C ASN B 546 20.70 -17.95 -8.27
N SER B 547 19.43 -17.62 -8.46
CA SER B 547 18.45 -18.53 -9.04
C SER B 547 17.77 -17.83 -10.22
N THR B 548 18.20 -18.18 -11.44
CA THR B 548 17.59 -17.60 -12.62
C THR B 548 16.19 -18.18 -12.86
N ASP B 549 15.97 -19.44 -12.49
CA ASP B 549 14.67 -20.07 -12.67
C ASP B 549 13.61 -19.41 -11.81
N ALA B 550 13.95 -19.01 -10.59
CA ALA B 550 13.00 -18.28 -9.75
C ALA B 550 12.76 -16.88 -10.28
N GLY B 551 13.77 -16.26 -10.88
CA GLY B 551 13.59 -14.93 -11.44
C GLY B 551 12.66 -14.90 -12.63
N LYS B 552 12.70 -15.96 -13.46
CA LYS B 552 11.80 -16.03 -14.62
C LYS B 552 10.35 -16.14 -14.18
N LYS B 553 10.07 -17.06 -13.24
CA LYS B 553 8.71 -17.22 -12.75
C LYS B 553 8.25 -16.01 -11.94
N LEU B 554 9.17 -15.33 -11.27
CA LEU B 554 8.82 -14.11 -10.57
C LEU B 554 8.44 -13.01 -11.56
N HIS B 555 9.32 -12.75 -12.54
CA HIS B 555 9.11 -11.69 -13.52
C HIS B 555 7.95 -11.95 -14.45
N GLN B 556 7.44 -13.13 -14.57
CA GLN B 556 6.31 -13.29 -15.49
C GLN B 556 5.04 -12.92 -14.77
N MET B 557 5.13 -12.59 -13.48
CA MET B 557 3.93 -12.23 -12.69
C MET B 557 3.93 -10.70 -12.44
N LEU B 558 5.12 -10.12 -12.25
CA LEU B 558 5.23 -8.65 -12.01
C LEU B 558 4.80 -7.90 -13.27
N SER B 559 5.15 -8.43 -14.45
CA SER B 559 4.85 -7.71 -15.73
C SER B 559 3.34 -7.67 -16.01
N VAL B 560 2.59 -8.71 -15.63
CA VAL B 560 1.14 -8.76 -15.98
C VAL B 560 0.42 -7.53 -15.37
N GLY B 561 0.88 -7.02 -14.22
CA GLY B 561 0.18 -5.91 -13.57
C GLY B 561 -1.26 -6.30 -13.26
N LYS B 562 -2.23 -5.49 -13.71
CA LYS B 562 -3.65 -5.83 -13.49
C LYS B 562 -4.27 -6.32 -14.81
N SER B 563 -3.48 -6.35 -15.88
CA SER B 563 -4.01 -6.72 -17.19
C SER B 563 -4.45 -8.17 -17.27
N GLN B 564 -4.64 -8.83 -16.13
CA GLN B 564 -4.99 -10.23 -16.06
C GLN B 564 -5.64 -10.44 -14.70
N PRO B 565 -6.59 -11.35 -14.56
CA PRO B 565 -7.17 -11.62 -13.24
C PRO B 565 -6.13 -12.13 -12.26
N TRP B 566 -6.32 -11.77 -10.98
CA TRP B 566 -5.33 -12.14 -9.98
C TRP B 566 -5.31 -13.65 -9.72
N THR B 567 -6.44 -14.33 -9.95
CA THR B 567 -6.49 -15.77 -9.77
C THR B 567 -5.62 -16.50 -10.80
N VAL B 568 -5.66 -16.07 -12.06
CA VAL B 568 -4.91 -16.76 -13.10
C VAL B 568 -3.45 -16.32 -13.17
N THR B 569 -3.10 -15.16 -12.61
CA THR B 569 -1.69 -14.83 -12.46
C THR B 569 -1.11 -15.37 -11.15
N LEU B 570 -1.97 -15.75 -10.21
CA LEU B 570 -1.53 -16.53 -9.06
C LEU B 570 -1.35 -18.00 -9.45
N LYS B 571 -2.19 -18.49 -10.36
CA LYS B 571 -2.05 -19.86 -10.84
C LYS B 571 -0.74 -20.07 -11.60
N ASP B 572 -0.24 -19.04 -12.26
CA ASP B 572 0.97 -19.16 -13.06
C ASP B 572 2.24 -19.22 -12.22
N ILE B 573 2.18 -18.93 -10.92
CA ILE B 573 3.36 -18.86 -10.07
C ILE B 573 3.32 -19.90 -8.95
N VAL B 574 2.15 -20.09 -8.31
CA VAL B 574 2.05 -21.02 -7.19
C VAL B 574 1.20 -22.24 -7.53
N ASP B 575 0.71 -22.35 -8.76
CA ASP B 575 -0.09 -23.47 -9.26
C ASP B 575 -1.36 -23.69 -8.44
N SER B 576 -1.97 -22.59 -8.01
CA SER B 576 -3.27 -22.66 -7.33
C SER B 576 -3.98 -21.33 -7.52
N ARG B 577 -5.22 -21.39 -8.00
CA ARG B 577 -5.99 -20.17 -8.20
C ARG B 577 -6.44 -19.54 -6.89
N ASN B 578 -6.69 -20.36 -5.87
CA ASN B 578 -7.28 -19.90 -4.63
C ASN B 578 -6.19 -19.45 -3.65
N MET B 579 -6.62 -18.77 -2.59
CA MET B 579 -5.73 -18.38 -1.50
C MET B 579 -5.46 -19.60 -0.63
N ASP B 580 -4.18 -19.83 -0.33
CA ASP B 580 -3.76 -20.97 0.49
C ASP B 580 -2.83 -20.48 1.59
N VAL B 581 -3.02 -21.02 2.79
CA VAL B 581 -2.20 -20.66 3.94
C VAL B 581 -1.28 -21.81 4.34
N GLY B 582 -1.34 -22.94 3.63
CA GLY B 582 -0.42 -24.04 3.80
C GLY B 582 1.05 -23.69 3.71
N PRO B 583 1.47 -22.83 2.77
CA PRO B 583 2.83 -22.29 2.83
C PRO B 583 3.17 -21.57 4.13
N LEU B 584 2.21 -20.85 4.72
CA LEU B 584 2.49 -20.14 5.96
C LEU B 584 2.65 -21.11 7.13
N LEU B 585 1.80 -22.14 7.20
CA LEU B 585 1.89 -23.10 8.29
C LEU B 585 3.12 -23.99 8.17
N ARG B 586 3.60 -24.21 6.94
CA ARG B 586 4.84 -24.94 6.75
C ARG B 586 6.06 -24.10 7.08
N TYR B 587 5.95 -22.77 6.94
CA TYR B 587 7.04 -21.89 7.33
C TYR B 587 7.29 -21.93 8.83
N PHE B 588 6.21 -21.91 9.62
CA PHE B 588 6.30 -21.89 11.07
C PHE B 588 6.13 -23.28 11.67
N GLU B 589 6.31 -24.33 10.88
CA GLU B 589 6.17 -25.70 11.38
C GLU B 589 7.18 -26.06 12.48
N PRO B 590 8.50 -25.75 12.38
CA PRO B 590 9.36 -26.00 13.55
C PRO B 590 8.96 -25.21 14.78
N LEU B 591 8.51 -23.96 14.60
CA LEU B 591 8.03 -23.19 15.73
C LEU B 591 6.72 -23.77 16.27
N TYR B 592 5.86 -24.26 15.39
CA TYR B 592 4.60 -24.87 15.84
C TYR B 592 4.86 -26.12 16.65
N THR B 593 5.75 -26.99 16.19
CA THR B 593 6.04 -28.21 16.95
C THR B 593 6.91 -27.94 18.16
N TRP B 594 7.60 -26.80 18.23
CA TRP B 594 8.25 -26.40 19.48
C TRP B 594 7.24 -25.86 20.49
N LEU B 595 6.28 -25.06 20.03
CA LEU B 595 5.28 -24.50 20.93
C LEU B 595 4.30 -25.54 21.43
N GLN B 596 4.09 -26.61 20.65
CA GLN B 596 3.28 -27.72 21.13
C GLN B 596 3.96 -28.42 22.31
N GLU B 597 5.28 -28.52 22.27
CA GLU B 597 6.02 -29.10 23.39
C GLU B 597 6.09 -28.13 24.57
N GLN B 598 6.23 -26.83 24.29
CA GLN B 598 6.30 -25.84 25.37
C GLN B 598 4.97 -25.68 26.08
N ASN B 599 3.87 -25.67 25.33
CA ASN B 599 2.53 -25.55 25.92
C ASN B 599 1.93 -26.93 26.19
N ARG B 600 2.68 -27.78 26.89
CA ARG B 600 2.23 -29.11 27.25
C ARG B 600 1.60 -29.16 28.63
N LYS B 601 2.19 -28.47 29.61
CA LYS B 601 1.64 -28.38 30.96
C LYS B 601 0.80 -27.12 31.17
N SER B 602 0.60 -26.33 30.12
CA SER B 602 -0.17 -25.09 30.20
C SER B 602 -1.53 -25.27 29.55
N HIS B 603 -2.29 -24.19 29.50
CA HIS B 603 -3.60 -24.17 28.89
C HIS B 603 -3.53 -23.49 27.53
N VAL B 604 -3.99 -24.17 26.50
CA VAL B 604 -4.01 -23.63 25.14
C VAL B 604 -5.43 -23.21 24.82
N GLY B 605 -5.64 -21.92 24.58
CA GLY B 605 -6.95 -21.35 24.40
C GLY B 605 -7.31 -20.38 25.51
N TRP B 606 -8.46 -19.73 25.31
CA TRP B 606 -8.92 -18.71 26.24
C TRP B 606 -10.43 -18.84 26.41
N ASN B 607 -10.92 -18.32 27.53
CA ASN B 607 -12.35 -18.16 27.76
C ASN B 607 -12.69 -16.68 27.77
N THR B 608 -13.82 -16.34 27.14
CA THR B 608 -14.22 -14.95 26.97
C THR B 608 -15.00 -14.40 28.16
N ASP B 609 -14.89 -15.04 29.33
CA ASP B 609 -15.62 -14.59 30.51
C ASP B 609 -14.74 -13.80 31.49
N TRP B 610 -13.43 -13.97 31.45
CA TRP B 610 -12.55 -13.30 32.38
C TRP B 610 -12.11 -11.95 31.83
N SER B 611 -12.11 -10.95 32.69
CA SER B 611 -11.60 -9.61 32.41
C SER B 611 -10.82 -9.14 33.63
N PRO B 612 -9.95 -8.14 33.46
CA PRO B 612 -9.25 -7.59 34.64
C PRO B 612 -10.17 -7.00 35.69
N TYR B 613 -11.39 -6.61 35.33
CA TYR B 613 -12.37 -6.11 36.28
C TYR B 613 -13.44 -7.14 36.63
N SER B 614 -13.25 -8.40 36.22
CA SER B 614 -14.31 -9.40 36.40
C SER B 614 -14.46 -9.82 37.85
N ASP B 615 -13.34 -9.99 38.56
CA ASP B 615 -13.39 -10.47 39.94
C ASP B 615 -13.83 -9.41 40.93
N GLN B 616 -13.80 -8.14 40.55
CA GLN B 616 -14.15 -7.04 41.46
C GLN B 616 -15.39 -6.29 41.00
N SER B 617 -16.24 -6.91 40.20
CA SER B 617 -17.46 -6.30 39.72
C SER B 617 -18.67 -6.92 40.38
N ILE B 618 -19.69 -6.09 40.64
CA ILE B 618 -20.88 -6.49 41.36
C ILE B 618 -22.03 -6.64 40.36
N LYS B 619 -22.71 -7.78 40.40
CA LYS B 619 -23.83 -8.03 39.51
C LYS B 619 -25.10 -7.41 40.08
N VAL B 620 -25.80 -6.62 39.26
CA VAL B 620 -27.04 -5.97 39.64
C VAL B 620 -28.13 -6.41 38.66
N ARG B 621 -29.25 -6.89 39.19
CA ARG B 621 -30.40 -7.28 38.39
C ARG B 621 -31.55 -6.30 38.62
N ILE B 622 -32.27 -6.00 37.55
CA ILE B 622 -33.36 -5.03 37.58
C ILE B 622 -34.68 -5.77 37.50
N SER B 623 -35.58 -5.48 38.43
CA SER B 623 -36.92 -6.08 38.46
C SER B 623 -38.00 -5.00 38.37
N LEU B 624 -37.73 -3.98 37.55
CA LEU B 624 -38.65 -2.87 37.27
C LEU B 624 -39.09 -2.11 38.53
N TYR B 633 -39.00 4.32 37.11
CA TYR B 633 -39.51 2.97 36.98
C TYR B 633 -38.90 2.26 35.77
N GLU B 634 -39.04 2.88 34.60
CA GLU B 634 -38.48 2.33 33.37
C GLU B 634 -36.98 2.59 33.30
N TRP B 635 -36.35 2.17 32.21
CA TRP B 635 -34.90 2.25 32.07
C TRP B 635 -34.54 2.98 30.78
N ASN B 636 -34.14 4.24 30.91
CA ASN B 636 -33.54 5.01 29.85
C ASN B 636 -32.04 5.09 30.09
N ASP B 637 -31.34 5.90 29.29
CA ASP B 637 -29.97 6.25 29.62
C ASP B 637 -29.89 7.32 30.70
N ASN B 638 -31.01 7.94 31.05
CA ASN B 638 -31.07 8.90 32.15
C ASN B 638 -31.20 8.22 33.50
N GLU B 639 -31.50 6.93 33.54
CA GLU B 639 -31.53 6.17 34.79
C GLU B 639 -30.18 5.55 35.11
N MET B 640 -29.39 5.23 34.09
CA MET B 640 -28.04 4.76 34.32
C MET B 640 -27.18 5.84 34.97
N TYR B 641 -27.34 7.09 34.52
CA TYR B 641 -26.61 8.20 35.15
C TYR B 641 -27.04 8.38 36.60
N LEU B 642 -28.34 8.22 36.88
CA LEU B 642 -28.81 8.31 38.25
C LEU B 642 -28.24 7.20 39.12
N PHE B 643 -28.18 5.98 38.57
CA PHE B 643 -27.59 4.87 39.33
C PHE B 643 -26.11 5.10 39.60
N ARG B 644 -25.37 5.59 38.59
CA ARG B 644 -23.95 5.84 38.78
C ARG B 644 -23.71 6.98 39.77
N SER B 645 -24.56 8.01 39.74
CA SER B 645 -24.47 9.09 40.72
C SER B 645 -24.76 8.58 42.13
N SER B 646 -25.77 7.72 42.27
CA SER B 646 -26.07 7.15 43.58
C SER B 646 -24.94 6.27 44.10
N VAL B 647 -24.32 5.50 43.21
CA VAL B 647 -23.18 4.66 43.60
C VAL B 647 -22.00 5.52 44.02
N ALA B 648 -21.71 6.60 43.27
CA ALA B 648 -20.62 7.48 43.63
C ALA B 648 -20.87 8.20 44.94
N TYR B 649 -22.12 8.61 45.19
CA TYR B 649 -22.45 9.24 46.45
C TYR B 649 -22.34 8.27 47.61
N ALA B 650 -22.75 7.01 47.40
CA ALA B 650 -22.58 5.99 48.43
C ALA B 650 -21.11 5.73 48.72
N MET B 651 -20.27 5.75 47.69
CA MET B 651 -18.83 5.58 47.89
C MET B 651 -18.25 6.74 48.69
N ARG B 652 -18.65 7.98 48.36
CA ARG B 652 -18.19 9.15 49.11
C ARG B 652 -18.65 9.09 50.57
N GLU B 653 -19.90 8.69 50.81
CA GLU B 653 -20.41 8.60 52.17
C GLU B 653 -19.69 7.51 52.96
N TYR B 654 -19.41 6.37 52.33
CA TYR B 654 -18.74 5.28 53.02
C TYR B 654 -17.29 5.61 53.33
N PHE B 655 -16.59 6.28 52.40
CA PHE B 655 -15.22 6.67 52.66
C PHE B 655 -15.12 7.91 53.54
N SER B 656 -16.20 8.67 53.71
CA SER B 656 -16.17 9.80 54.61
C SER B 656 -16.09 9.36 56.07
N LYS B 657 -16.79 8.27 56.41
CA LYS B 657 -16.75 7.74 57.76
C LYS B 657 -15.47 6.95 58.03
N LYS B 658 -14.67 6.66 57.02
CA LYS B 658 -13.36 6.05 57.18
C LYS B 658 -12.25 7.08 57.26
N ASN B 659 -12.59 8.36 57.36
CA ASN B 659 -11.65 9.48 57.41
C ASN B 659 -10.74 9.51 56.18
N GLN B 660 -11.31 9.15 55.03
CA GLN B 660 -10.61 9.17 53.75
C GLN B 660 -11.46 9.95 52.76
N PRO B 661 -11.34 11.28 52.72
CA PRO B 661 -12.17 12.07 51.80
C PRO B 661 -11.73 11.91 50.36
N ILE B 662 -12.50 11.15 49.58
CA ILE B 662 -12.23 10.90 48.18
C ILE B 662 -13.46 11.30 47.38
N LEU B 663 -13.25 12.03 46.28
CA LEU B 663 -14.36 12.55 45.47
C LEU B 663 -14.65 11.58 44.34
N PHE B 664 -15.46 10.56 44.65
CA PHE B 664 -15.90 9.62 43.64
C PHE B 664 -16.96 10.25 42.75
N GLY B 665 -16.89 9.96 41.45
CA GLY B 665 -17.82 10.55 40.51
C GLY B 665 -18.51 9.55 39.61
N VAL B 666 -19.26 10.07 38.63
CA VAL B 666 -19.94 9.20 37.67
C VAL B 666 -18.91 8.52 36.75
N GLU B 667 -17.86 9.24 36.39
CA GLU B 667 -16.81 8.68 35.55
C GLU B 667 -16.00 7.61 36.25
N ASN B 668 -16.05 7.56 37.59
CA ASN B 668 -15.34 6.54 38.34
C ASN B 668 -16.15 5.25 38.50
N VAL B 669 -17.40 5.24 38.08
CA VAL B 669 -18.24 4.04 38.09
C VAL B 669 -18.36 3.54 36.66
N TRP B 670 -17.97 2.29 36.45
CA TRP B 670 -17.98 1.68 35.13
C TRP B 670 -19.05 0.60 35.08
N VAL B 671 -19.71 0.48 33.93
CA VAL B 671 -20.79 -0.49 33.74
C VAL B 671 -20.39 -1.43 32.62
N SER B 672 -20.45 -2.74 32.90
CA SER B 672 -20.13 -3.76 31.93
C SER B 672 -21.25 -4.80 31.92
N ASN B 673 -21.28 -5.60 30.84
CA ASN B 673 -22.29 -6.63 30.61
C ASN B 673 -23.71 -6.05 30.68
N LEU B 674 -23.88 -4.90 30.04
CA LEU B 674 -25.15 -4.16 30.11
C LEU B 674 -26.19 -4.85 29.24
N LYS B 675 -27.09 -5.59 29.89
CA LYS B 675 -28.32 -6.01 29.25
C LYS B 675 -29.41 -5.04 29.67
N PRO B 676 -29.95 -4.22 28.75
CA PRO B 676 -30.87 -3.14 29.16
C PRO B 676 -32.23 -3.62 29.64
N ARG B 677 -32.49 -4.94 29.65
CA ARG B 677 -33.77 -5.46 30.09
C ARG B 677 -33.73 -6.06 31.50
N ILE B 678 -32.65 -6.76 31.86
CA ILE B 678 -32.67 -7.49 33.12
C ILE B 678 -31.53 -7.13 34.08
N SER B 679 -30.29 -7.04 33.58
CA SER B 679 -29.17 -7.00 34.52
C SER B 679 -27.95 -6.36 33.88
N PHE B 680 -27.00 -5.99 34.74
CA PHE B 680 -25.70 -5.46 34.33
C PHE B 680 -24.71 -5.65 35.48
N ASN B 681 -23.43 -5.49 35.16
CA ASN B 681 -22.35 -5.55 36.13
C ASN B 681 -21.71 -4.17 36.26
N PHE B 682 -21.17 -3.88 37.44
CA PHE B 682 -20.51 -2.60 37.66
C PHE B 682 -19.39 -2.74 38.66
N HIS B 683 -18.42 -1.83 38.56
CA HIS B 683 -17.34 -1.73 39.53
C HIS B 683 -16.92 -0.27 39.65
N VAL B 684 -16.29 0.06 40.77
CA VAL B 684 -15.89 1.42 41.09
C VAL B 684 -14.38 1.51 41.08
N THR B 685 -13.86 2.60 40.52
CA THR B 685 -12.43 2.83 40.40
C THR B 685 -12.07 4.12 41.16
N SER B 686 -10.88 4.13 41.77
CA SER B 686 -10.43 5.30 42.50
C SER B 686 -10.16 6.46 41.53
N PRO B 687 -10.53 7.69 41.91
CA PRO B 687 -10.30 8.83 41.01
C PRO B 687 -8.82 9.15 40.85
N GLY B 688 -8.45 9.51 39.63
CA GLY B 688 -7.07 9.81 39.31
C GLY B 688 -6.20 8.59 39.11
N ASN B 689 -6.75 7.39 39.20
CA ASN B 689 -5.97 6.16 39.05
C ASN B 689 -6.92 5.10 38.49
N VAL B 690 -6.86 4.90 37.17
CA VAL B 690 -7.74 3.93 36.52
C VAL B 690 -7.36 2.50 36.87
N SER B 691 -6.12 2.28 37.30
CA SER B 691 -5.68 0.95 37.71
C SER B 691 -6.16 0.58 39.11
N ASP B 692 -6.58 1.56 39.91
CA ASP B 692 -6.93 1.34 41.31
C ASP B 692 -8.41 1.01 41.41
N ILE B 693 -8.74 -0.25 41.14
CA ILE B 693 -10.10 -0.73 41.28
C ILE B 693 -10.40 -0.92 42.76
N ILE B 694 -11.51 -0.32 43.22
CA ILE B 694 -11.95 -0.47 44.61
C ILE B 694 -12.33 -1.93 44.86
N PRO B 695 -11.93 -2.52 46.00
CA PRO B 695 -12.26 -3.93 46.25
C PRO B 695 -13.77 -4.15 46.35
N ARG B 696 -14.18 -5.37 45.99
CA ARG B 696 -15.60 -5.72 45.93
C ARG B 696 -16.24 -5.71 47.30
N SER B 697 -15.48 -6.02 48.36
CA SER B 697 -16.02 -5.95 49.71
C SER B 697 -16.28 -4.50 50.12
N GLU B 698 -15.42 -3.57 49.69
CA GLU B 698 -15.60 -2.16 50.01
C GLU B 698 -16.85 -1.60 49.35
N VAL B 699 -17.08 -1.94 48.08
CA VAL B 699 -18.26 -1.44 47.36
C VAL B 699 -19.53 -2.05 47.93
N GLU B 700 -19.49 -3.34 48.29
CA GLU B 700 -20.64 -3.98 48.90
C GLU B 700 -20.95 -3.40 50.27
N GLY B 701 -19.91 -3.08 51.05
CA GLY B 701 -20.12 -2.40 52.31
C GLY B 701 -20.68 -1.01 52.15
N ALA B 702 -20.23 -0.29 51.12
CA ALA B 702 -20.78 1.03 50.81
C ALA B 702 -22.26 0.95 50.45
N ILE B 703 -22.62 -0.02 49.62
CA ILE B 703 -24.01 -0.21 49.23
C ILE B 703 -24.87 -0.59 50.43
N ARG B 704 -24.36 -1.49 51.29
CA ARG B 704 -25.11 -1.87 52.48
C ARG B 704 -25.24 -0.71 53.46
N MET B 705 -24.25 0.18 53.53
CA MET B 705 -24.33 1.33 54.41
C MET B 705 -25.31 2.36 53.88
N SER B 706 -25.38 2.54 52.57
CA SER B 706 -26.24 3.54 51.94
C SER B 706 -27.32 2.89 51.08
N ARG B 707 -27.95 1.84 51.59
CA ARG B 707 -28.96 1.11 50.82
C ARG B 707 -30.27 1.88 50.69
N SER B 708 -30.56 2.81 51.61
CA SER B 708 -31.83 3.53 51.55
C SER B 708 -31.84 4.52 50.40
N ARG B 709 -30.92 5.47 50.39
CA ARG B 709 -30.88 6.52 49.39
C ARG B 709 -30.04 6.14 48.17
N ILE B 710 -29.88 4.83 47.91
CA ILE B 710 -29.41 4.35 46.61
C ILE B 710 -30.57 3.86 45.75
N ASN B 711 -31.75 3.63 46.34
CA ASN B 711 -32.93 3.27 45.58
C ASN B 711 -34.18 4.04 46.00
N ASP B 712 -34.08 4.96 46.96
CA ASP B 712 -35.23 5.82 47.27
C ASP B 712 -35.57 6.75 46.11
N ALA B 713 -34.56 7.16 45.33
CA ALA B 713 -34.83 7.99 44.16
C ALA B 713 -35.51 7.18 43.05
N PHE B 714 -35.25 5.88 42.99
CA PHE B 714 -35.86 5.03 41.97
C PHE B 714 -37.26 4.56 42.36
N ARG B 715 -37.66 4.75 43.62
CA ARG B 715 -38.94 4.27 44.17
C ARG B 715 -39.08 2.76 43.98
N LEU B 716 -38.15 2.03 44.58
CA LEU B 716 -38.16 0.57 44.54
C LEU B 716 -37.43 0.03 45.76
N ASP B 717 -37.87 -1.13 46.23
CA ASP B 717 -37.31 -1.75 47.42
C ASP B 717 -36.05 -2.54 47.07
N ASP B 718 -35.45 -3.16 48.09
CA ASP B 718 -34.22 -3.92 47.89
C ASP B 718 -34.43 -5.22 47.14
N ASN B 719 -35.68 -5.67 46.97
CA ASN B 719 -35.93 -6.89 46.20
C ASN B 719 -35.81 -6.63 44.69
N SER B 720 -36.09 -5.42 44.23
CA SER B 720 -35.97 -5.11 42.81
C SER B 720 -34.52 -5.06 42.38
N LEU B 721 -33.68 -4.36 43.14
CA LEU B 721 -32.23 -4.31 42.90
C LEU B 721 -31.59 -5.19 43.97
N GLU B 722 -31.38 -6.46 43.63
CA GLU B 722 -30.94 -7.44 44.63
C GLU B 722 -29.47 -7.27 45.00
N PHE B 723 -28.66 -6.73 44.07
CA PHE B 723 -27.21 -6.54 44.26
C PHE B 723 -26.52 -7.87 44.63
N LEU B 724 -26.54 -8.80 43.68
CA LEU B 724 -25.97 -10.13 43.86
C LEU B 724 -24.46 -10.06 44.08
C1 NAG C . 13.31 23.64 -2.44
C2 NAG C . 14.18 23.87 -3.68
C3 NAG C . 14.51 25.36 -3.83
C4 NAG C . 13.25 26.19 -3.82
C5 NAG C . 12.47 25.90 -2.55
C6 NAG C . 11.14 26.63 -2.47
C7 NAG C . 15.58 21.96 -4.33
C8 NAG C . 16.89 21.27 -4.15
N2 NAG C . 15.39 23.07 -3.62
O3 NAG C . 15.22 25.55 -5.05
O4 NAG C . 13.57 27.58 -3.89
O5 NAG C . 12.17 24.50 -2.47
O6 NAG C . 10.24 25.97 -1.60
O7 NAG C . 14.72 21.52 -5.09
C1 NAG C . 13.13 28.11 -5.16
C2 NAG C . 12.82 29.60 -5.01
C3 NAG C . 12.40 30.19 -6.35
C4 NAG C . 13.43 29.88 -7.43
C5 NAG C . 13.71 28.38 -7.48
C6 NAG C . 14.82 28.03 -8.45
C7 NAG C . 12.09 30.12 -2.73
C8 NAG C . 10.91 30.32 -1.82
N2 NAG C . 11.81 29.83 -3.99
O3 NAG C . 12.24 31.60 -6.22
O4 NAG C . 12.96 30.33 -8.69
O5 NAG C . 14.12 27.91 -6.20
O6 NAG C . 14.88 28.95 -9.53
O7 NAG C . 13.25 30.23 -2.33
C1 NAG D . -2.61 3.33 41.28
C2 NAG D . -1.52 3.65 42.28
C3 NAG D . -0.35 2.66 42.15
C4 NAG D . -0.85 1.22 42.21
C5 NAG D . -2.03 1.00 41.26
C6 NAG D . -2.70 -0.34 41.40
C7 NAG D . -0.48 5.60 41.11
C8 NAG D . -0.09 7.04 41.28
N2 NAG D . -1.05 5.04 42.19
O3 NAG D . 0.60 2.91 43.18
O4 NAG D . 0.23 0.36 41.82
O5 NAG D . -3.05 1.99 41.47
O6 NAG D . -3.77 -0.28 42.34
O7 NAG D . -0.25 5.00 40.07
C1 NAG D . 0.69 -0.67 42.76
C2 NAG D . 0.75 -0.20 44.22
C3 NAG D . 1.13 -1.35 45.16
C4 NAG D . 0.23 -2.55 44.93
C5 NAG D . 0.23 -2.95 43.46
C6 NAG D . -0.71 -4.09 43.15
C7 NAG D . 2.96 0.98 44.17
C8 NAG D . 3.64 2.29 44.44
N2 NAG D . 1.64 0.95 44.41
O3 NAG D . 1.05 -0.92 46.52
O4 NAG D . 0.67 -3.65 45.72
O5 NAG D . -0.18 -1.83 42.66
O6 NAG D . -1.32 -3.92 41.88
O7 NAG D . 3.59 0.01 43.74
C1 NAG E . 26.26 -16.10 -6.31
C2 NAG E . 26.85 -15.90 -4.92
C3 NAG E . 28.14 -15.11 -5.00
C4 NAG E . 29.12 -15.76 -5.99
C5 NAG E . 28.42 -15.98 -7.34
C6 NAG E . 29.27 -16.75 -8.32
C7 NAG E . 25.05 -15.88 -3.25
C8 NAG E . 24.14 -15.02 -2.41
N2 NAG E . 25.90 -15.23 -4.05
O3 NAG E . 28.75 -15.05 -3.71
O4 NAG E . 30.24 -14.91 -6.17
O5 NAG E . 27.22 -16.74 -7.15
O6 NAG E . 28.96 -18.13 -8.31
O7 NAG E . 25.01 -17.10 -3.20
C1 NAG E . 31.44 -15.51 -5.66
C2 NAG E . 32.40 -14.37 -5.22
C3 NAG E . 33.69 -14.92 -4.57
C4 NAG E . 33.34 -15.93 -3.48
C5 NAG E . 32.39 -17.01 -4.03
C6 NAG E . 31.95 -17.99 -2.97
C7 NAG E . 33.26 -13.35 -7.45
C8 NAG E . 33.80 -14.67 -7.98
N2 NAG E . 32.67 -13.33 -6.23
O3 NAG E . 34.43 -13.85 -4.01
O4 NAG E . 34.53 -16.56 -3.00
O5 NAG E . 31.20 -16.40 -4.55
O6 NAG E . 31.33 -17.33 -1.88
O7 NAG E . 33.36 -12.33 -8.11
C1 NAG F . 24.03 -4.27 -14.36
C2 NAG F . 24.43 -5.06 -15.61
C3 NAG F . 25.84 -5.63 -15.48
C4 NAG F . 26.83 -4.53 -15.10
C5 NAG F . 26.36 -3.82 -13.85
C6 NAG F . 27.24 -2.64 -13.48
C7 NAG F . 22.45 -5.97 -16.76
C8 NAG F . 21.56 -7.16 -16.92
N2 NAG F . 23.47 -6.11 -15.89
O3 NAG F . 26.22 -6.24 -16.70
O4 NAG F . 28.12 -5.10 -14.87
O5 NAG F . 25.04 -3.28 -14.06
O6 NAG F . 26.54 -1.40 -13.57
O7 NAG F . 22.27 -4.92 -17.37
C1 NAG G . 17.96 -28.83 19.54
C2 NAG G . 16.69 -28.97 20.39
C3 NAG G . 16.98 -29.77 21.65
C4 NAG G . 17.65 -31.09 21.33
C5 NAG G . 18.89 -30.86 20.47
C6 NAG G . 19.55 -32.13 20.00
C7 NAG G . 15.17 -27.09 19.99
C8 NAG G . 14.72 -25.74 20.48
N2 NAG G . 16.13 -27.68 20.71
O3 NAG G . 15.77 -30.00 22.36
O4 NAG G . 18.04 -31.76 22.52
O5 NAG G . 18.53 -30.13 19.29
O6 NAG G . 19.10 -32.51 18.71
O7 NAG G . 14.69 -27.61 19.00
#